data_2D2X
#
_entry.id   2D2X
#
_cell.length_a   80.510
_cell.length_b   70.350
_cell.length_c   82.984
_cell.angle_alpha   90.00
_cell.angle_beta   117.84
_cell.angle_gamma   90.00
#
_symmetry.space_group_name_H-M   'P 1 21 1'
#
loop_
_entity.id
_entity.type
_entity.pdbx_description
1 polymer '2-deoxy-scyllo-inosose synthase'
2 non-polymer 'COBALT (II) ION'
3 non-polymer 'SULFITE ION'
4 non-polymer GLYCEROL
5 water water
#
_entity_poly.entity_id   1
_entity_poly.type   'polypeptide(L)'
_entity_poly.pdbx_seq_one_letter_code
;MTTKQICFADRCFNFAFGEHVLESVESYIPRDEFDQYIMISDSGVPDSIVHYAAEYFGKLAPVHILRFQGGEEYKTLSTV
TNLQERAIALGANRRTAIVAVGGGLTGNVAGVAAGMMFRGIALIHVPTTFLAASDSVLSIKQAVNLTSGKNLVGFYYPPR
FVFADTRILSESPPRQVKAGMCELVKNMLILENDNKEFTEDDLNSANVYSPKQLETFINFCISAKMSVLSEDIYEKKKGL
IFEYGHTIGHAIELAEQGGITHGEAIAVGMIYAAKIANRMNLMPEHDVSAHYWLLNKIGALQDIPLKSDPDSIFHYLIHD
NKRGYIKLDEDNLGMILLSGVGKPAMYNQTLLTPVRKTLIKEVIREGL
;
_entity_poly.pdbx_strand_id   A,B
#
# COMPACT_ATOMS: atom_id res chain seq x y z
N THR A 2 -4.58 -30.90 -1.82
CA THR A 2 -5.82 -30.29 -1.27
C THR A 2 -5.86 -28.79 -1.55
N THR A 3 -7.05 -28.28 -1.86
CA THR A 3 -7.22 -26.87 -2.15
C THR A 3 -8.29 -26.26 -1.25
N LYS A 4 -8.01 -25.09 -0.71
CA LYS A 4 -8.94 -24.39 0.16
C LYS A 4 -9.04 -22.94 -0.30
N GLN A 5 -10.26 -22.43 -0.32
CA GLN A 5 -10.51 -21.04 -0.73
C GLN A 5 -10.46 -20.16 0.51
N ILE A 6 -9.47 -19.28 0.55
CA ILE A 6 -9.26 -18.38 1.67
C ILE A 6 -9.69 -16.97 1.29
N CYS A 7 -10.47 -16.33 2.16
CA CYS A 7 -10.95 -14.99 1.86
C CYS A 7 -10.82 -13.98 2.99
N PHE A 8 -10.11 -12.89 2.73
CA PHE A 8 -9.97 -11.80 3.69
C PHE A 8 -11.01 -10.81 3.17
N ALA A 9 -12.20 -10.79 3.78
CA ALA A 9 -13.28 -9.94 3.32
C ALA A 9 -13.58 -10.43 1.89
N ASP A 10 -13.65 -9.53 0.92
CA ASP A 10 -13.93 -9.95 -0.46
C ASP A 10 -12.69 -10.24 -1.33
N ARG A 11 -11.52 -10.30 -0.71
CA ARG A 11 -10.27 -10.60 -1.42
C ARG A 11 -9.96 -12.06 -1.15
N CYS A 12 -10.16 -12.92 -2.15
CA CYS A 12 -9.93 -14.35 -1.98
C CYS A 12 -8.77 -14.90 -2.80
N PHE A 13 -8.30 -16.09 -2.42
CA PHE A 13 -7.22 -16.78 -3.12
C PHE A 13 -7.24 -18.26 -2.80
N ASN A 14 -6.77 -19.09 -3.73
CA ASN A 14 -6.75 -20.53 -3.50
C ASN A 14 -5.42 -20.95 -2.88
N PHE A 15 -5.51 -21.79 -1.86
CA PHE A 15 -4.35 -22.29 -1.14
C PHE A 15 -4.29 -23.81 -1.36
N ALA A 16 -3.40 -24.25 -2.24
CA ALA A 16 -3.24 -25.66 -2.53
C ALA A 16 -2.03 -26.21 -1.78
N PHE A 17 -2.19 -27.38 -1.16
CA PHE A 17 -1.10 -28.00 -0.42
C PHE A 17 -1.13 -29.52 -0.48
N GLY A 18 0.05 -30.09 -0.72
CA GLY A 18 0.17 -31.53 -0.82
C GLY A 18 1.52 -31.86 -1.45
N GLU A 19 1.81 -33.14 -1.64
CA GLU A 19 3.09 -33.53 -2.22
C GLU A 19 3.19 -33.12 -3.69
N HIS A 20 4.28 -32.43 -4.03
CA HIS A 20 4.52 -31.98 -5.40
C HIS A 20 3.32 -31.22 -5.99
N VAL A 21 2.76 -30.29 -5.22
CA VAL A 21 1.63 -29.49 -5.70
C VAL A 21 2.04 -28.61 -6.86
N LEU A 22 3.34 -28.28 -6.93
CA LEU A 22 3.84 -27.44 -8.00
C LEU A 22 3.91 -28.20 -9.31
N GLU A 23 4.24 -29.49 -9.24
CA GLU A 23 4.34 -30.31 -10.44
C GLU A 23 2.99 -30.37 -11.16
N SER A 24 1.97 -29.78 -10.57
CA SER A 24 0.64 -29.75 -11.17
C SER A 24 0.06 -28.35 -11.10
N VAL A 25 0.94 -27.35 -11.13
CA VAL A 25 0.53 -25.95 -11.08
C VAL A 25 -0.36 -25.59 -12.28
N GLU A 26 -0.13 -26.25 -13.40
CA GLU A 26 -0.89 -26.00 -14.62
C GLU A 26 -2.38 -26.20 -14.40
N SER A 27 -2.73 -27.18 -13.57
CA SER A 27 -4.13 -27.45 -13.30
C SER A 27 -4.69 -26.54 -12.21
N TYR A 28 -3.84 -25.64 -11.68
CA TYR A 28 -4.28 -24.70 -10.66
C TYR A 28 -4.35 -23.28 -11.20
N ILE A 29 -3.50 -22.98 -12.17
CA ILE A 29 -3.46 -21.64 -12.77
C ILE A 29 -3.67 -21.70 -14.28
N PRO A 30 -4.57 -20.86 -14.81
CA PRO A 30 -4.84 -20.86 -16.25
C PRO A 30 -3.62 -20.36 -17.04
N ARG A 31 -3.43 -20.92 -18.24
CA ARG A 31 -2.30 -20.57 -19.11
C ARG A 31 -2.16 -19.09 -19.45
N ASP A 32 -3.28 -18.42 -19.72
CA ASP A 32 -3.24 -17.00 -20.08
C ASP A 32 -3.35 -16.04 -18.90
N GLU A 33 -3.36 -16.58 -17.68
CA GLU A 33 -3.48 -15.73 -16.51
C GLU A 33 -2.38 -14.66 -16.47
N PHE A 34 -1.12 -15.09 -16.52
CA PHE A 34 0.00 -14.17 -16.49
C PHE A 34 0.93 -14.43 -17.67
N ASP A 35 1.58 -13.39 -18.16
CA ASP A 35 2.49 -13.55 -19.29
C ASP A 35 3.95 -13.70 -18.86
N GLN A 36 4.18 -13.66 -17.55
CA GLN A 36 5.55 -13.76 -17.03
C GLN A 36 5.54 -13.98 -15.52
N TYR A 37 6.52 -14.75 -15.03
CA TYR A 37 6.66 -15.02 -13.61
C TYR A 37 8.03 -14.59 -13.11
N ILE A 38 8.03 -13.68 -12.13
CA ILE A 38 9.27 -13.20 -11.56
C ILE A 38 9.44 -13.84 -10.17
N MET A 39 10.31 -14.83 -10.09
CA MET A 39 10.58 -15.53 -8.84
C MET A 39 11.52 -14.77 -7.93
N ILE A 40 11.06 -14.49 -6.70
CA ILE A 40 11.87 -13.79 -5.72
C ILE A 40 12.13 -14.73 -4.54
N SER A 41 13.40 -14.85 -4.17
CA SER A 41 13.80 -15.75 -3.09
C SER A 41 15.08 -15.25 -2.44
N ASP A 42 15.08 -15.05 -1.13
CA ASP A 42 16.30 -14.57 -0.48
C ASP A 42 17.38 -15.66 -0.56
N SER A 43 18.63 -15.24 -0.39
CA SER A 43 19.77 -16.15 -0.50
C SER A 43 19.82 -17.36 0.44
N GLY A 44 19.14 -17.26 1.58
CA GLY A 44 19.14 -18.38 2.50
C GLY A 44 18.27 -19.55 2.06
N VAL A 45 17.50 -19.37 0.99
CA VAL A 45 16.63 -20.44 0.51
C VAL A 45 17.40 -21.40 -0.40
N PRO A 46 17.26 -22.72 -0.15
CA PRO A 46 17.95 -23.75 -0.93
C PRO A 46 17.74 -23.59 -2.44
N ASP A 47 18.84 -23.59 -3.19
CA ASP A 47 18.79 -23.43 -4.63
C ASP A 47 17.93 -24.52 -5.28
N SER A 48 18.01 -25.73 -4.76
CA SER A 48 17.24 -26.86 -5.30
C SER A 48 15.74 -26.57 -5.32
N ILE A 49 15.25 -25.91 -4.28
CA ILE A 49 13.83 -25.59 -4.19
C ILE A 49 13.46 -24.52 -5.22
N VAL A 50 14.25 -23.46 -5.28
CA VAL A 50 14.01 -22.37 -6.22
C VAL A 50 13.97 -22.87 -7.66
N HIS A 51 15.02 -23.58 -8.07
CA HIS A 51 15.06 -24.09 -9.43
C HIS A 51 13.96 -25.09 -9.72
N TYR A 52 13.53 -25.80 -8.68
CA TYR A 52 12.46 -26.78 -8.79
C TYR A 52 11.15 -26.05 -9.12
N ALA A 53 10.90 -24.96 -8.40
CA ALA A 53 9.68 -24.18 -8.60
C ALA A 53 9.69 -23.45 -9.95
N ALA A 54 10.88 -23.05 -10.40
CA ALA A 54 11.01 -22.35 -11.68
C ALA A 54 10.72 -23.31 -12.84
N GLU A 55 11.08 -24.58 -12.69
CA GLU A 55 10.84 -25.56 -13.73
C GLU A 55 9.35 -25.73 -14.03
N TYR A 56 8.52 -25.79 -13.00
CA TYR A 56 7.09 -25.96 -13.22
C TYR A 56 6.32 -24.69 -13.57
N PHE A 57 6.67 -23.56 -12.96
CA PHE A 57 5.98 -22.32 -13.31
C PHE A 57 6.34 -21.99 -14.76
N GLY A 58 7.50 -22.49 -15.20
CA GLY A 58 7.95 -22.23 -16.55
C GLY A 58 7.10 -22.91 -17.61
N LYS A 59 6.30 -23.89 -17.18
CA LYS A 59 5.43 -24.59 -18.11
C LYS A 59 4.22 -23.75 -18.47
N LEU A 60 4.05 -22.64 -17.75
CA LEU A 60 2.92 -21.74 -17.99
C LEU A 60 3.35 -20.45 -18.67
N ALA A 61 4.55 -19.99 -18.37
CA ALA A 61 5.06 -18.75 -18.95
C ALA A 61 6.52 -18.57 -18.57
N PRO A 62 7.23 -17.67 -19.29
CA PRO A 62 8.64 -17.43 -18.99
C PRO A 62 8.86 -17.12 -17.51
N VAL A 63 9.92 -17.69 -16.95
CA VAL A 63 10.24 -17.48 -15.55
C VAL A 63 11.65 -16.90 -15.36
N HIS A 64 11.74 -15.83 -14.57
CA HIS A 64 13.03 -15.22 -14.27
C HIS A 64 13.23 -15.30 -12.76
N ILE A 65 14.42 -15.68 -12.34
CA ILE A 65 14.72 -15.79 -10.93
C ILE A 65 15.48 -14.57 -10.41
N LEU A 66 14.98 -13.98 -9.32
CA LEU A 66 15.61 -12.82 -8.70
C LEU A 66 15.93 -13.12 -7.24
N ARG A 67 17.21 -13.12 -6.91
CA ARG A 67 17.61 -13.39 -5.54
C ARG A 67 18.06 -12.11 -4.86
N PHE A 68 18.07 -12.12 -3.53
CA PHE A 68 18.51 -10.97 -2.75
C PHE A 68 19.12 -11.46 -1.44
N GLN A 69 19.93 -10.62 -0.82
CA GLN A 69 20.60 -10.97 0.43
C GLN A 69 19.61 -11.22 1.57
N GLY A 70 19.63 -12.43 2.10
CA GLY A 70 18.74 -12.75 3.21
C GLY A 70 19.18 -12.00 4.45
N GLY A 71 18.47 -12.18 5.56
CA GLY A 71 18.86 -11.49 6.78
C GLY A 71 18.03 -10.27 7.11
N GLU A 72 17.72 -10.13 8.39
CA GLU A 72 16.92 -9.00 8.87
C GLU A 72 17.52 -7.66 8.45
N GLU A 73 18.85 -7.60 8.34
CA GLU A 73 19.55 -6.38 7.95
C GLU A 73 19.09 -5.90 6.57
N TYR A 74 18.73 -6.84 5.71
CA TYR A 74 18.30 -6.49 4.36
C TYR A 74 16.79 -6.43 4.11
N LYS A 75 15.98 -6.55 5.15
CA LYS A 75 14.53 -6.47 4.97
C LYS A 75 14.18 -4.98 5.05
N THR A 76 14.46 -4.27 3.97
CA THR A 76 14.24 -2.82 3.91
C THR A 76 13.59 -2.38 2.60
N LEU A 77 13.16 -1.11 2.54
CA LEU A 77 12.55 -0.58 1.33
C LEU A 77 13.58 -0.49 0.21
N SER A 78 14.84 -0.30 0.61
CA SER A 78 15.93 -0.21 -0.34
C SER A 78 16.04 -1.55 -1.09
N THR A 79 15.95 -2.66 -0.37
CA THR A 79 16.03 -3.96 -1.00
C THR A 79 14.86 -4.17 -1.96
N VAL A 80 13.68 -3.71 -1.54
CA VAL A 80 12.47 -3.80 -2.36
C VAL A 80 12.68 -3.01 -3.67
N THR A 81 13.14 -1.77 -3.53
CA THR A 81 13.39 -0.92 -4.69
C THR A 81 14.31 -1.62 -5.70
N ASN A 82 15.41 -2.20 -5.21
CA ASN A 82 16.33 -2.90 -6.11
C ASN A 82 15.65 -4.04 -6.87
N LEU A 83 14.77 -4.77 -6.18
CA LEU A 83 14.05 -5.86 -6.84
C LEU A 83 13.07 -5.33 -7.89
N GLN A 84 12.45 -4.20 -7.59
CA GLN A 84 11.51 -3.58 -8.52
C GLN A 84 12.22 -3.08 -9.79
N GLU A 85 13.42 -2.54 -9.65
CA GLU A 85 14.16 -2.05 -10.82
C GLU A 85 14.55 -3.23 -11.72
N ARG A 86 15.03 -4.31 -11.11
CA ARG A 86 15.42 -5.50 -11.87
C ARG A 86 14.22 -6.12 -12.58
N ALA A 87 13.07 -6.16 -11.91
CA ALA A 87 11.86 -6.73 -12.52
C ALA A 87 11.48 -5.91 -13.76
N ILE A 88 11.60 -4.59 -13.66
CA ILE A 88 11.29 -3.70 -14.77
C ILE A 88 12.26 -3.94 -15.93
N ALA A 89 13.54 -4.10 -15.61
CA ALA A 89 14.56 -4.34 -16.63
C ALA A 89 14.29 -5.63 -17.38
N LEU A 90 13.55 -6.55 -16.75
CA LEU A 90 13.23 -7.83 -17.39
C LEU A 90 11.88 -7.73 -18.11
N GLY A 91 11.36 -6.50 -18.21
CA GLY A 91 10.09 -6.30 -18.90
C GLY A 91 8.84 -6.64 -18.09
N ALA A 92 8.87 -6.41 -16.79
CA ALA A 92 7.72 -6.70 -15.94
C ALA A 92 6.57 -5.74 -16.27
N ASN A 93 5.35 -6.24 -16.22
CA ASN A 93 4.19 -5.40 -16.49
C ASN A 93 3.01 -5.83 -15.61
N ARG A 94 1.83 -5.28 -15.91
CA ARG A 94 0.63 -5.60 -15.14
C ARG A 94 0.11 -7.03 -15.30
N ARG A 95 0.62 -7.74 -16.30
CA ARG A 95 0.22 -9.12 -16.55
C ARG A 95 1.22 -10.07 -15.89
N THR A 96 2.24 -9.49 -15.26
CA THR A 96 3.28 -10.26 -14.59
C THR A 96 2.87 -10.64 -13.16
N ALA A 97 3.34 -11.79 -12.71
CA ALA A 97 3.04 -12.26 -11.35
C ALA A 97 4.35 -12.43 -10.59
N ILE A 98 4.35 -11.99 -9.33
CA ILE A 98 5.52 -12.11 -8.46
C ILE A 98 5.36 -13.39 -7.65
N VAL A 99 6.35 -14.29 -7.73
CA VAL A 99 6.32 -15.55 -7.00
C VAL A 99 7.38 -15.54 -5.89
N ALA A 100 6.92 -15.48 -4.64
CA ALA A 100 7.81 -15.46 -3.48
C ALA A 100 8.06 -16.88 -2.98
N VAL A 101 9.29 -17.36 -3.18
CA VAL A 101 9.67 -18.71 -2.77
C VAL A 101 10.63 -18.64 -1.57
N GLY A 102 10.09 -18.90 -0.38
CA GLY A 102 10.89 -18.86 0.83
C GLY A 102 10.04 -18.74 2.09
N GLY A 103 10.61 -18.15 3.14
CA GLY A 103 9.92 -17.98 4.40
C GLY A 103 9.32 -16.60 4.61
N GLY A 104 9.24 -16.18 5.87
CA GLY A 104 8.66 -14.89 6.20
C GLY A 104 9.37 -13.69 5.61
N LEU A 105 10.69 -13.71 5.64
CA LEU A 105 11.48 -12.62 5.10
C LEU A 105 11.18 -12.37 3.62
N THR A 106 11.22 -13.44 2.83
CA THR A 106 10.95 -13.34 1.40
C THR A 106 9.50 -12.94 1.15
N GLY A 107 8.60 -13.46 1.98
CA GLY A 107 7.18 -13.17 1.85
C GLY A 107 6.93 -11.68 1.96
N ASN A 108 7.49 -11.06 3.01
CA ASN A 108 7.31 -9.63 3.21
C ASN A 108 7.98 -8.76 2.16
N VAL A 109 9.21 -9.10 1.77
CA VAL A 109 9.93 -8.33 0.77
C VAL A 109 9.23 -8.40 -0.59
N ALA A 110 8.87 -9.62 -1.01
CA ALA A 110 8.17 -9.79 -2.27
C ALA A 110 6.79 -9.14 -2.17
N GLY A 111 6.17 -9.27 -1.00
CA GLY A 111 4.84 -8.70 -0.78
C GLY A 111 4.78 -7.19 -0.95
N VAL A 112 5.74 -6.48 -0.35
CA VAL A 112 5.80 -5.03 -0.48
C VAL A 112 6.12 -4.64 -1.92
N ALA A 113 6.99 -5.43 -2.56
CA ALA A 113 7.36 -5.18 -3.96
C ALA A 113 6.17 -5.29 -4.92
N ALA A 114 5.44 -6.41 -4.82
CA ALA A 114 4.28 -6.64 -5.67
C ALA A 114 3.16 -5.62 -5.40
N GLY A 115 2.95 -5.29 -4.13
CA GLY A 115 1.91 -4.36 -3.77
C GLY A 115 2.12 -2.94 -4.28
N MET A 116 3.38 -2.56 -4.55
CA MET A 116 3.66 -1.23 -5.04
C MET A 116 3.87 -1.10 -6.55
N MET A 117 4.32 -2.16 -7.22
CA MET A 117 4.55 -2.11 -8.67
C MET A 117 3.26 -1.86 -9.45
N PHE A 118 3.24 -0.74 -10.17
CA PHE A 118 2.08 -0.32 -10.97
C PHE A 118 0.88 -0.20 -10.03
N ARG A 119 1.19 0.10 -8.77
CA ARG A 119 0.18 0.23 -7.71
C ARG A 119 -0.49 -1.11 -7.41
N GLY A 120 0.23 -2.21 -7.67
CA GLY A 120 -0.30 -3.53 -7.36
C GLY A 120 -0.44 -4.60 -8.43
N ILE A 121 0.43 -5.61 -8.41
CA ILE A 121 0.34 -6.72 -9.35
C ILE A 121 0.18 -8.02 -8.55
N ALA A 122 -0.10 -9.13 -9.24
CA ALA A 122 -0.31 -10.41 -8.58
C ALA A 122 0.86 -10.92 -7.73
N LEU A 123 0.52 -11.45 -6.57
CA LEU A 123 1.49 -11.99 -5.62
C LEU A 123 1.12 -13.46 -5.38
N ILE A 124 2.08 -14.36 -5.59
CA ILE A 124 1.86 -15.79 -5.40
C ILE A 124 2.91 -16.29 -4.41
N HIS A 125 2.45 -16.96 -3.35
CA HIS A 125 3.36 -17.48 -2.33
C HIS A 125 3.64 -18.99 -2.47
N VAL A 126 4.91 -19.35 -2.29
CA VAL A 126 5.34 -20.74 -2.32
C VAL A 126 6.17 -20.82 -1.02
N PRO A 127 5.49 -20.95 0.13
CA PRO A 127 6.13 -21.04 1.45
C PRO A 127 7.05 -22.25 1.55
N THR A 128 8.27 -22.04 2.02
CA THR A 128 9.22 -23.13 2.13
C THR A 128 9.43 -23.59 3.58
N THR A 129 8.87 -22.84 4.53
CA THR A 129 8.98 -23.19 5.95
C THR A 129 7.60 -23.49 6.52
N PHE A 130 7.52 -24.42 7.47
CA PHE A 130 6.23 -24.77 8.07
C PHE A 130 5.57 -23.55 8.72
N LEU A 131 6.39 -22.68 9.32
CA LEU A 131 5.88 -21.48 9.96
C LEU A 131 5.21 -20.52 8.97
N ALA A 132 5.79 -20.38 7.79
CA ALA A 132 5.24 -19.50 6.78
C ALA A 132 3.98 -20.11 6.17
N ALA A 133 4.03 -21.41 5.92
CA ALA A 133 2.92 -22.12 5.31
C ALA A 133 1.69 -22.25 6.22
N SER A 134 1.90 -22.32 7.53
CA SER A 134 0.76 -22.49 8.44
C SER A 134 0.39 -21.25 9.24
N ASP A 135 1.14 -20.16 9.08
CA ASP A 135 0.82 -18.95 9.83
C ASP A 135 0.99 -17.62 9.08
N SER A 136 2.23 -17.28 8.70
CA SER A 136 2.46 -16.00 8.03
C SER A 136 1.75 -15.77 6.70
N VAL A 137 1.55 -16.80 5.88
CA VAL A 137 0.82 -16.58 4.63
C VAL A 137 -0.68 -16.50 4.92
N LEU A 138 -1.06 -16.69 6.20
CA LEU A 138 -2.47 -16.60 6.60
C LEU A 138 -2.64 -15.27 7.33
N SER A 139 -2.13 -14.23 6.69
CA SER A 139 -2.17 -12.86 7.17
C SER A 139 -1.81 -12.01 5.95
N ILE A 140 -2.45 -10.85 5.77
CA ILE A 140 -2.12 -10.03 4.61
C ILE A 140 -1.25 -8.83 4.97
N LYS A 141 -0.66 -8.86 6.15
CA LYS A 141 0.23 -7.79 6.59
C LYS A 141 1.56 -7.90 5.84
N GLN A 142 2.03 -6.78 5.30
CA GLN A 142 3.31 -6.75 4.58
C GLN A 142 4.10 -5.64 5.25
N ALA A 143 5.42 -5.81 5.38
CA ALA A 143 6.24 -4.76 5.99
C ALA A 143 7.73 -5.04 5.93
N VAL A 144 8.52 -3.97 5.98
CA VAL A 144 9.98 -4.08 6.01
C VAL A 144 10.42 -3.17 7.15
N ASN A 145 11.71 -3.16 7.47
CA ASN A 145 12.19 -2.36 8.58
C ASN A 145 12.84 -1.03 8.23
N LEU A 146 12.96 -0.18 9.25
CA LEU A 146 13.65 1.10 9.17
C LEU A 146 14.84 0.85 10.11
N THR A 147 15.86 1.70 10.06
CA THR A 147 17.00 1.49 10.94
C THR A 147 16.58 1.69 12.39
N SER A 148 15.45 2.37 12.58
CA SER A 148 14.94 2.64 13.94
C SER A 148 13.78 1.76 14.39
N GLY A 149 13.55 0.65 13.69
CA GLY A 149 12.46 -0.22 14.09
C GLY A 149 12.03 -1.23 13.04
N LYS A 150 11.71 -2.43 13.50
CA LYS A 150 11.28 -3.49 12.60
C LYS A 150 9.82 -3.35 12.21
N ASN A 151 9.53 -3.69 10.95
CA ASN A 151 8.18 -3.64 10.40
C ASN A 151 7.45 -2.31 10.63
N LEU A 152 8.15 -1.20 10.51
CA LEU A 152 7.54 0.11 10.70
C LEU A 152 6.90 0.69 9.44
N VAL A 153 7.27 0.15 8.28
CA VAL A 153 6.71 0.63 7.01
C VAL A 153 6.17 -0.53 6.20
N GLY A 154 4.91 -0.40 5.79
CA GLY A 154 4.29 -1.44 5.02
C GLY A 154 2.81 -1.19 4.78
N PHE A 155 2.07 -2.26 4.54
CA PHE A 155 0.64 -2.13 4.29
C PHE A 155 -0.01 -3.51 4.26
N TYR A 156 -1.29 -3.55 3.87
CA TYR A 156 -2.01 -4.82 3.80
C TYR A 156 -2.18 -5.16 2.32
N TYR A 157 -1.78 -6.39 1.94
CA TYR A 157 -1.90 -6.79 0.55
C TYR A 157 -2.05 -8.30 0.42
N PRO A 158 -3.20 -8.77 -0.09
CA PRO A 158 -3.49 -10.20 -0.26
C PRO A 158 -2.86 -10.79 -1.51
N PRO A 159 -2.57 -12.11 -1.48
CA PRO A 159 -1.97 -12.83 -2.62
C PRO A 159 -3.10 -13.35 -3.50
N ARG A 160 -2.75 -13.93 -4.65
CA ARG A 160 -3.71 -14.49 -5.60
C ARG A 160 -3.75 -16.01 -5.49
N PHE A 161 -2.59 -16.59 -5.14
CA PHE A 161 -2.46 -18.04 -4.97
C PHE A 161 -1.35 -18.38 -3.99
N VAL A 162 -1.49 -19.51 -3.32
CA VAL A 162 -0.48 -19.99 -2.38
C VAL A 162 -0.33 -21.48 -2.64
N PHE A 163 0.92 -21.93 -2.75
CA PHE A 163 1.22 -23.34 -2.99
C PHE A 163 2.20 -23.85 -1.93
N ALA A 164 1.78 -24.83 -1.14
CA ALA A 164 2.65 -25.40 -0.12
C ALA A 164 2.95 -26.87 -0.43
N ASP A 165 4.18 -27.14 -0.85
CA ASP A 165 4.60 -28.50 -1.16
C ASP A 165 4.94 -29.17 0.18
N THR A 166 4.08 -30.07 0.64
CA THR A 166 4.30 -30.72 1.93
C THR A 166 5.46 -31.71 1.97
N ARG A 167 5.95 -32.10 0.80
CA ARG A 167 7.09 -33.02 0.72
C ARG A 167 8.30 -32.21 1.17
N ILE A 168 8.44 -31.01 0.62
CA ILE A 168 9.53 -30.12 0.96
C ILE A 168 9.47 -29.76 2.45
N LEU A 169 8.27 -29.45 2.93
CA LEU A 169 8.11 -29.08 4.34
C LEU A 169 8.50 -30.22 5.29
N SER A 170 8.16 -31.45 4.93
CA SER A 170 8.48 -32.60 5.78
C SER A 170 9.98 -32.91 5.78
N GLU A 171 10.75 -32.27 4.91
CA GLU A 171 12.18 -32.51 4.86
C GLU A 171 12.96 -31.34 5.44
N SER A 172 12.23 -30.32 5.89
CA SER A 172 12.86 -29.15 6.49
C SER A 172 13.38 -29.51 7.87
N PRO A 173 14.30 -28.70 8.43
CA PRO A 173 14.86 -28.96 9.75
C PRO A 173 13.86 -28.96 10.92
N PRO A 174 13.97 -29.95 11.80
CA PRO A 174 13.09 -30.10 12.97
C PRO A 174 12.90 -28.80 13.77
N ARG A 175 13.98 -28.06 13.99
CA ARG A 175 13.86 -26.82 14.76
C ARG A 175 12.99 -25.80 14.03
N GLN A 176 12.95 -25.90 12.70
CA GLN A 176 12.16 -25.01 11.88
C GLN A 176 10.71 -25.44 12.03
N VAL A 177 10.47 -26.74 11.89
CA VAL A 177 9.13 -27.31 12.03
C VAL A 177 8.56 -26.93 13.40
N LYS A 178 9.37 -27.08 14.44
CA LYS A 178 8.93 -26.76 15.80
C LYS A 178 8.41 -25.34 15.97
N ALA A 179 9.07 -24.38 15.34
CA ALA A 179 8.66 -22.99 15.46
C ALA A 179 7.23 -22.78 14.97
N GLY A 180 6.86 -23.50 13.91
CA GLY A 180 5.50 -23.38 13.40
C GLY A 180 4.57 -24.18 14.28
N MET A 181 5.09 -25.26 14.87
CA MET A 181 4.26 -26.09 15.74
C MET A 181 3.88 -25.32 16.99
N CYS A 182 4.72 -24.38 17.41
CA CYS A 182 4.44 -23.57 18.59
C CYS A 182 3.24 -22.68 18.30
N GLU A 183 3.12 -22.22 17.05
CA GLU A 183 2.00 -21.37 16.66
C GLU A 183 0.73 -22.21 16.54
N LEU A 184 0.90 -23.48 16.18
CA LEU A 184 -0.23 -24.39 16.04
C LEU A 184 -0.79 -24.68 17.42
N VAL A 185 0.10 -24.83 18.40
CA VAL A 185 -0.31 -25.08 19.78
C VAL A 185 -1.04 -23.84 20.28
N LYS A 186 -0.54 -22.66 19.92
CA LYS A 186 -1.16 -21.41 20.31
C LYS A 186 -2.60 -21.44 19.82
N ASN A 187 -2.81 -21.81 18.56
CA ASN A 187 -4.16 -21.87 18.00
C ASN A 187 -5.06 -22.81 18.83
N MET A 188 -4.51 -23.94 19.26
CA MET A 188 -5.26 -24.91 20.06
C MET A 188 -5.69 -24.34 21.41
N LEU A 189 -4.84 -23.50 22.00
CA LEU A 189 -5.11 -22.91 23.32
C LEU A 189 -6.07 -21.71 23.33
N ILE A 190 -6.01 -20.88 22.29
CA ILE A 190 -6.85 -19.70 22.24
C ILE A 190 -8.26 -19.90 21.68
N LEU A 191 -8.45 -20.97 20.91
CA LEU A 191 -9.74 -21.27 20.31
C LEU A 191 -10.20 -22.66 20.71
N LYS A 196 -10.89 -30.51 14.44
CA LYS A 196 -9.54 -30.85 13.91
C LYS A 196 -9.44 -32.35 13.59
N GLU A 197 -8.68 -32.68 12.56
CA GLU A 197 -8.50 -34.05 12.11
C GLU A 197 -7.28 -34.76 12.70
N PHE A 198 -6.85 -34.32 13.88
CA PHE A 198 -5.72 -34.96 14.53
C PHE A 198 -5.91 -34.78 16.02
N THR A 199 -5.18 -35.56 16.80
CA THR A 199 -5.28 -35.47 18.26
C THR A 199 -3.88 -35.16 18.80
N GLU A 200 -3.80 -34.97 20.11
CA GLU A 200 -2.53 -34.68 20.75
C GLU A 200 -1.56 -35.84 20.58
N ASP A 201 -2.11 -37.03 20.29
CA ASP A 201 -1.31 -38.23 20.08
C ASP A 201 -0.48 -38.15 18.81
N ASP A 202 -0.91 -37.34 17.85
CA ASP A 202 -0.20 -37.20 16.59
C ASP A 202 0.96 -36.22 16.67
N LEU A 203 1.11 -35.57 17.82
CA LEU A 203 2.19 -34.61 18.03
C LEU A 203 3.39 -35.38 18.62
N ASN A 204 4.59 -35.13 18.12
CA ASN A 204 5.77 -35.78 18.67
C ASN A 204 6.82 -34.71 19.00
N SER A 205 7.72 -35.02 19.93
CA SER A 205 8.72 -34.04 20.34
C SER A 205 9.95 -33.94 19.44
N ALA A 206 10.07 -34.86 18.48
CA ALA A 206 11.21 -34.82 17.56
C ALA A 206 10.95 -33.83 16.42
N ASN A 207 9.69 -33.43 16.26
CA ASN A 207 9.29 -32.51 15.21
C ASN A 207 9.72 -32.95 13.81
N VAL A 208 9.43 -34.22 13.52
CA VAL A 208 9.71 -34.84 12.23
C VAL A 208 8.34 -35.38 11.84
N TYR A 209 7.82 -34.94 10.70
CA TYR A 209 6.49 -35.38 10.27
C TYR A 209 6.39 -35.73 8.80
N SER A 210 5.43 -36.59 8.48
CA SER A 210 5.17 -37.01 7.11
C SER A 210 4.42 -35.88 6.40
N PRO A 211 4.49 -35.86 5.06
CA PRO A 211 3.81 -34.84 4.27
C PRO A 211 2.31 -34.81 4.62
N LYS A 212 1.75 -36.00 4.78
CA LYS A 212 0.34 -36.14 5.12
C LYS A 212 -0.03 -35.50 6.46
N GLN A 213 0.78 -35.76 7.49
CA GLN A 213 0.50 -35.17 8.80
C GLN A 213 0.56 -33.65 8.75
N LEU A 214 1.50 -33.11 7.98
CA LEU A 214 1.65 -31.66 7.85
C LEU A 214 0.46 -31.06 7.09
N GLU A 215 -0.09 -31.85 6.18
CA GLU A 215 -1.25 -31.41 5.41
C GLU A 215 -2.42 -31.23 6.36
N THR A 216 -2.54 -32.14 7.32
CA THR A 216 -3.61 -32.06 8.30
C THR A 216 -3.42 -30.86 9.24
N PHE A 217 -2.17 -30.58 9.60
CA PHE A 217 -1.87 -29.44 10.47
C PHE A 217 -2.24 -28.14 9.76
N ILE A 218 -1.85 -28.04 8.50
CA ILE A 218 -2.12 -26.86 7.70
C ILE A 218 -3.61 -26.59 7.59
N ASN A 219 -4.39 -27.62 7.32
CA ASN A 219 -5.83 -27.49 7.19
C ASN A 219 -6.40 -26.92 8.49
N PHE A 220 -5.92 -27.43 9.63
CA PHE A 220 -6.38 -26.96 10.93
C PHE A 220 -6.08 -25.47 11.12
N CYS A 221 -4.85 -25.04 10.81
CA CYS A 221 -4.49 -23.64 10.98
C CYS A 221 -5.32 -22.70 10.06
N ILE A 222 -5.59 -23.14 8.84
CA ILE A 222 -6.38 -22.33 7.93
C ILE A 222 -7.77 -22.10 8.53
N SER A 223 -8.41 -23.19 8.92
CA SER A 223 -9.73 -23.14 9.52
C SER A 223 -9.78 -22.27 10.79
N ALA A 224 -8.77 -22.40 11.64
CA ALA A 224 -8.73 -21.65 12.89
C ALA A 224 -8.49 -20.15 12.71
N LYS A 225 -7.45 -19.78 11.98
CA LYS A 225 -7.17 -18.37 11.78
C LYS A 225 -8.26 -17.65 10.99
N MET A 226 -8.67 -18.24 9.87
CA MET A 226 -9.68 -17.61 9.02
C MET A 226 -11.07 -17.52 9.64
N SER A 227 -11.32 -18.29 10.71
CA SER A 227 -12.62 -18.21 11.37
C SER A 227 -12.73 -16.81 12.01
N VAL A 228 -11.58 -16.16 12.18
CA VAL A 228 -11.52 -14.84 12.77
C VAL A 228 -11.06 -13.73 11.81
N LEU A 229 -10.03 -14.01 11.02
CA LEU A 229 -9.46 -13.03 10.10
C LEU A 229 -10.28 -12.73 8.83
N SER A 230 -11.20 -13.62 8.47
CA SER A 230 -12.01 -13.34 7.28
C SER A 230 -12.72 -12.02 7.47
N GLU A 231 -13.06 -11.68 8.72
CA GLU A 231 -13.75 -10.42 8.98
C GLU A 231 -12.80 -9.34 9.54
N ASP A 232 -11.84 -9.73 10.38
CA ASP A 232 -10.89 -8.77 10.93
C ASP A 232 -9.61 -8.84 10.09
N ILE A 233 -9.66 -8.32 8.87
CA ILE A 233 -8.52 -8.36 7.96
C ILE A 233 -7.27 -7.62 8.46
N TYR A 234 -7.48 -6.59 9.25
CA TYR A 234 -6.36 -5.80 9.79
C TYR A 234 -5.85 -6.32 11.11
N GLU A 235 -6.52 -7.33 11.66
CA GLU A 235 -6.11 -7.94 12.93
C GLU A 235 -6.04 -6.91 14.07
N LYS A 236 -7.01 -5.99 14.09
CA LYS A 236 -7.04 -4.96 15.13
C LYS A 236 -8.08 -5.18 16.21
N LYS A 237 -8.96 -6.16 15.99
CA LYS A 237 -10.00 -6.42 16.98
C LYS A 237 -9.93 -7.84 17.53
N LYS A 238 -10.87 -8.68 17.12
CA LYS A 238 -10.92 -10.06 17.57
C LYS A 238 -9.65 -10.77 17.10
N GLY A 239 -9.07 -10.28 16.02
CA GLY A 239 -7.85 -10.87 15.49
C GLY A 239 -6.64 -10.70 16.39
N LEU A 240 -6.75 -9.90 17.45
CA LEU A 240 -5.64 -9.70 18.37
C LEU A 240 -5.32 -10.98 19.11
N ILE A 241 -6.27 -11.91 19.13
CA ILE A 241 -6.11 -13.18 19.81
C ILE A 241 -4.89 -13.97 19.30
N PHE A 242 -4.46 -13.71 18.07
CA PHE A 242 -3.30 -14.44 17.55
C PHE A 242 -1.98 -13.86 18.04
N GLU A 243 -2.07 -12.84 18.88
CA GLU A 243 -0.89 -12.22 19.48
C GLU A 243 -0.64 -12.87 20.83
N TYR A 244 -1.43 -13.88 21.17
CA TYR A 244 -1.26 -14.58 22.45
C TYR A 244 0.19 -15.02 22.60
N GLY A 245 0.77 -14.73 23.76
CA GLY A 245 2.16 -15.09 24.03
C GLY A 245 3.19 -14.25 23.30
N HIS A 246 2.73 -13.28 22.50
CA HIS A 246 3.62 -12.41 21.72
C HIS A 246 4.09 -11.11 22.40
N THR A 247 3.34 -10.61 23.39
CA THR A 247 3.72 -9.36 24.05
C THR A 247 5.10 -9.47 24.71
N ILE A 248 5.26 -10.44 25.61
CA ILE A 248 6.55 -10.62 26.26
C ILE A 248 7.41 -11.49 25.33
N GLY A 249 6.76 -12.39 24.62
CA GLY A 249 7.45 -13.27 23.69
C GLY A 249 8.30 -12.51 22.69
N HIS A 250 7.75 -11.45 22.12
CA HIS A 250 8.53 -10.68 21.15
C HIS A 250 9.70 -9.97 21.82
N ALA A 251 9.50 -9.51 23.06
CA ALA A 251 10.58 -8.83 23.78
C ALA A 251 11.72 -9.82 23.98
N ILE A 252 11.38 -11.05 24.35
CA ILE A 252 12.36 -12.10 24.58
C ILE A 252 13.10 -12.46 23.30
N GLU A 253 12.36 -12.58 22.20
CA GLU A 253 12.97 -12.90 20.91
C GLU A 253 14.02 -11.85 20.54
N LEU A 254 13.67 -10.58 20.76
CA LEU A 254 14.59 -9.48 20.45
C LEU A 254 15.79 -9.52 21.40
N ALA A 255 15.50 -9.72 22.68
CA ALA A 255 16.55 -9.77 23.70
C ALA A 255 17.55 -10.88 23.42
N GLU A 256 17.10 -11.97 22.81
CA GLU A 256 17.98 -13.10 22.52
C GLU A 256 18.82 -12.96 21.26
N GLN A 257 18.61 -11.86 20.53
CA GLN A 257 19.36 -11.57 19.32
C GLN A 257 19.53 -12.73 18.34
N GLY A 258 18.50 -13.57 18.18
CA GLY A 258 18.60 -14.68 17.25
C GLY A 258 18.91 -16.03 17.88
N GLY A 259 19.15 -16.04 19.18
CA GLY A 259 19.45 -17.30 19.84
C GLY A 259 18.25 -18.24 19.80
N ILE A 260 17.04 -17.69 19.83
CA ILE A 260 15.85 -18.54 19.80
C ILE A 260 14.93 -18.18 18.64
N THR A 261 14.17 -19.17 18.19
CA THR A 261 13.24 -18.97 17.09
C THR A 261 12.01 -18.20 17.59
N HIS A 262 11.26 -17.65 16.65
CA HIS A 262 10.06 -16.92 16.98
C HIS A 262 9.10 -17.82 17.77
N GLY A 263 8.98 -19.07 17.33
CA GLY A 263 8.11 -20.02 17.99
C GLY A 263 8.48 -20.26 19.44
N GLU A 264 9.77 -20.54 19.66
CA GLU A 264 10.28 -20.77 21.00
C GLU A 264 9.98 -19.58 21.91
N ALA A 265 10.15 -18.38 21.37
CA ALA A 265 9.91 -17.16 22.13
C ALA A 265 8.43 -17.04 22.52
N ILE A 266 7.56 -17.39 21.56
CA ILE A 266 6.12 -17.33 21.78
C ILE A 266 5.66 -18.42 22.75
N ALA A 267 6.34 -19.55 22.76
CA ALA A 267 5.97 -20.63 23.67
C ALA A 267 6.22 -20.16 25.10
N VAL A 268 7.36 -19.49 25.32
CA VAL A 268 7.69 -18.98 26.64
C VAL A 268 6.72 -17.86 27.02
N GLY A 269 6.37 -17.04 26.03
CA GLY A 269 5.43 -15.94 26.26
C GLY A 269 4.06 -16.43 26.66
N MET A 270 3.66 -17.60 26.16
CA MET A 270 2.36 -18.16 26.50
C MET A 270 2.38 -18.70 27.93
N ILE A 271 3.48 -19.35 28.32
CA ILE A 271 3.57 -19.87 29.68
C ILE A 271 3.43 -18.67 30.64
N TYR A 272 4.10 -17.57 30.33
CA TYR A 272 4.04 -16.37 31.18
C TYR A 272 2.63 -15.76 31.24
N ALA A 273 1.94 -15.74 30.11
CA ALA A 273 0.59 -15.18 30.08
C ALA A 273 -0.36 -16.03 30.90
N ALA A 274 -0.19 -17.36 30.84
CA ALA A 274 -1.04 -18.27 31.60
C ALA A 274 -0.83 -18.08 33.11
N LYS A 275 0.43 -17.94 33.53
CA LYS A 275 0.76 -17.76 34.93
C LYS A 275 0.18 -16.42 35.42
N ILE A 276 0.31 -15.39 34.59
CA ILE A 276 -0.22 -14.08 34.92
C ILE A 276 -1.75 -14.13 35.03
N ALA A 277 -2.41 -14.81 34.09
CA ALA A 277 -3.86 -14.93 34.12
C ALA A 277 -4.32 -15.62 35.40
N ASN A 278 -3.58 -16.64 35.80
CA ASN A 278 -3.87 -17.39 37.01
C ASN A 278 -3.61 -16.53 38.26
N ARG A 279 -2.53 -15.76 38.23
CA ARG A 279 -2.19 -14.91 39.36
C ARG A 279 -3.11 -13.72 39.53
N MET A 280 -3.90 -13.43 38.49
CA MET A 280 -4.85 -12.33 38.56
C MET A 280 -6.23 -12.92 38.81
N ASN A 281 -6.27 -14.19 39.16
CA ASN A 281 -7.51 -14.90 39.44
C ASN A 281 -8.44 -15.04 38.24
N LEU A 282 -7.85 -15.02 37.04
CA LEU A 282 -8.65 -15.15 35.82
C LEU A 282 -8.62 -16.56 35.26
N MET A 283 -7.57 -17.32 35.55
CA MET A 283 -7.43 -18.66 35.01
C MET A 283 -7.08 -19.73 36.05
N PRO A 284 -7.84 -20.83 36.06
CA PRO A 284 -7.62 -21.94 36.99
C PRO A 284 -6.25 -22.57 36.75
N GLU A 285 -5.72 -23.25 37.76
CA GLU A 285 -4.42 -23.89 37.66
C GLU A 285 -4.44 -25.01 36.61
N HIS A 286 -5.57 -25.71 36.51
CA HIS A 286 -5.70 -26.81 35.56
C HIS A 286 -5.45 -26.32 34.14
N ASP A 287 -5.82 -25.07 33.86
CA ASP A 287 -5.63 -24.51 32.54
C ASP A 287 -4.16 -24.13 32.34
N VAL A 288 -3.51 -23.70 33.41
CA VAL A 288 -2.08 -23.35 33.32
C VAL A 288 -1.33 -24.62 32.95
N SER A 289 -1.61 -25.70 33.66
CA SER A 289 -0.95 -26.98 33.42
C SER A 289 -1.14 -27.46 31.99
N ALA A 290 -2.30 -27.16 31.41
CA ALA A 290 -2.58 -27.56 30.04
C ALA A 290 -1.57 -26.95 29.08
N HIS A 291 -1.12 -25.73 29.40
CA HIS A 291 -0.14 -25.05 28.56
C HIS A 291 1.17 -25.83 28.54
N TYR A 292 1.67 -26.24 29.71
CA TYR A 292 2.92 -26.99 29.77
C TYR A 292 2.79 -28.35 29.09
N TRP A 293 1.64 -28.99 29.29
CA TRP A 293 1.37 -30.30 28.74
C TRP A 293 1.44 -30.33 27.21
N LEU A 294 0.71 -29.43 26.58
CA LEU A 294 0.67 -29.35 25.13
C LEU A 294 2.02 -28.93 24.54
N LEU A 295 2.68 -27.98 25.20
CA LEU A 295 3.98 -27.51 24.72
C LEU A 295 5.09 -28.54 24.92
N ASN A 296 4.95 -29.42 25.92
CA ASN A 296 5.96 -30.45 26.14
C ASN A 296 5.80 -31.57 25.11
N LYS A 297 4.60 -31.73 24.57
CA LYS A 297 4.36 -32.77 23.58
C LYS A 297 5.07 -32.46 22.26
N ILE A 298 5.38 -31.19 22.03
CA ILE A 298 6.09 -30.80 20.81
C ILE A 298 7.51 -30.39 21.16
N GLY A 299 7.89 -30.68 22.41
CA GLY A 299 9.23 -30.36 22.90
C GLY A 299 9.64 -28.91 22.82
N ALA A 300 8.68 -28.01 22.91
CA ALA A 300 8.93 -26.57 22.82
C ALA A 300 9.72 -25.96 23.98
N LEU A 301 9.68 -26.61 25.14
CA LEU A 301 10.38 -26.09 26.31
C LEU A 301 11.65 -26.85 26.62
N GLN A 302 11.97 -27.85 25.80
CA GLN A 302 13.17 -28.67 26.00
C GLN A 302 14.46 -27.86 25.90
N ASP A 303 14.82 -27.43 24.70
CA ASP A 303 16.04 -26.66 24.50
C ASP A 303 15.89 -25.26 25.09
N ILE A 304 15.68 -24.28 24.22
CA ILE A 304 15.51 -22.90 24.63
C ILE A 304 16.77 -22.36 25.29
N PRO A 305 17.72 -21.88 24.48
CA PRO A 305 18.98 -21.32 24.98
C PRO A 305 18.77 -19.89 25.47
N LEU A 306 18.01 -19.73 26.54
CA LEU A 306 17.75 -18.40 27.10
C LEU A 306 19.02 -17.87 27.77
N LYS A 307 19.56 -16.78 27.23
CA LYS A 307 20.78 -16.20 27.76
C LYS A 307 20.64 -14.77 28.28
N SER A 308 19.82 -13.95 27.63
CA SER A 308 19.65 -12.57 28.06
C SER A 308 19.11 -12.44 29.48
N ASP A 309 19.35 -11.28 30.08
CA ASP A 309 18.91 -10.98 31.43
C ASP A 309 17.56 -10.27 31.42
N PRO A 310 16.81 -10.37 32.53
CA PRO A 310 15.49 -9.74 32.62
C PRO A 310 15.45 -8.24 32.31
N ASP A 311 16.51 -7.51 32.62
CA ASP A 311 16.53 -6.08 32.33
C ASP A 311 16.50 -5.81 30.83
N SER A 312 17.19 -6.64 30.07
CA SER A 312 17.24 -6.48 28.62
C SER A 312 15.84 -6.73 28.06
N ILE A 313 15.20 -7.80 28.55
CA ILE A 313 13.86 -8.15 28.10
C ILE A 313 12.89 -7.01 28.43
N PHE A 314 13.00 -6.44 29.64
CA PHE A 314 12.14 -5.34 30.06
C PHE A 314 12.30 -4.16 29.12
N HIS A 315 13.55 -3.91 28.73
CA HIS A 315 13.87 -2.79 27.85
C HIS A 315 13.20 -2.90 26.48
N TYR A 316 13.34 -4.06 25.83
CA TYR A 316 12.72 -4.23 24.53
C TYR A 316 11.19 -4.24 24.66
N LEU A 317 10.71 -4.60 25.84
CA LEU A 317 9.28 -4.66 26.10
C LEU A 317 8.60 -3.31 26.28
N ILE A 318 9.26 -2.39 26.98
CA ILE A 318 8.66 -1.07 27.23
C ILE A 318 9.51 0.10 26.73
N HIS A 319 10.78 -0.16 26.45
CA HIS A 319 11.71 0.87 25.97
C HIS A 319 12.11 1.83 27.09
N GLU A 330 3.36 5.17 34.19
CA GLU A 330 2.43 4.09 33.77
C GLU A 330 2.71 2.84 34.60
N ASP A 331 1.66 2.20 35.07
CA ASP A 331 1.81 1.01 35.91
C ASP A 331 1.21 -0.24 35.25
N ASN A 332 0.73 -0.10 34.02
CA ASN A 332 0.12 -1.22 33.34
C ASN A 332 0.47 -1.35 31.85
N LEU A 333 0.50 -2.60 31.39
CA LEU A 333 0.76 -2.94 30.00
C LEU A 333 -0.43 -3.81 29.60
N GLY A 334 -0.86 -3.71 28.35
CA GLY A 334 -1.97 -4.50 27.90
C GLY A 334 -1.53 -5.84 27.35
N MET A 335 -2.22 -6.90 27.76
CA MET A 335 -1.87 -8.23 27.29
C MET A 335 -3.13 -9.00 26.91
N ILE A 336 -2.96 -9.96 26.02
CA ILE A 336 -4.04 -10.83 25.60
C ILE A 336 -3.96 -11.99 26.60
N LEU A 337 -4.96 -12.10 27.46
CA LEU A 337 -4.97 -13.18 28.47
C LEU A 337 -6.19 -14.09 28.28
N LEU A 338 -6.12 -15.27 28.89
CA LEU A 338 -7.21 -16.24 28.80
C LEU A 338 -7.77 -16.54 30.19
N SER A 339 -9.06 -16.88 30.25
CA SER A 339 -9.68 -17.23 31.52
C SER A 339 -9.68 -18.76 31.56
N GLY A 340 -9.36 -19.37 30.42
CA GLY A 340 -9.33 -20.81 30.33
C GLY A 340 -8.94 -21.25 28.92
N VAL A 341 -8.61 -22.53 28.75
CA VAL A 341 -8.25 -23.03 27.43
C VAL A 341 -9.41 -22.81 26.47
N GLY A 342 -9.17 -22.08 25.40
CA GLY A 342 -10.19 -21.80 24.41
C GLY A 342 -11.08 -20.62 24.74
N LYS A 343 -10.88 -20.02 25.92
CA LYS A 343 -11.69 -18.89 26.37
C LYS A 343 -10.91 -17.61 26.62
N PRO A 344 -10.86 -16.72 25.63
CA PRO A 344 -10.15 -15.44 25.77
C PRO A 344 -10.76 -14.58 26.88
N ALA A 345 -9.92 -13.85 27.60
CA ALA A 345 -10.39 -12.98 28.67
C ALA A 345 -10.71 -11.61 28.08
N MET A 346 -11.96 -11.19 28.22
CA MET A 346 -12.37 -9.89 27.69
C MET A 346 -12.28 -8.82 28.75
N TYR A 347 -11.93 -7.62 28.32
CA TYR A 347 -11.82 -6.49 29.23
C TYR A 347 -12.27 -5.23 28.52
N ASN A 348 -13.33 -4.61 29.03
CA ASN A 348 -13.82 -3.37 28.44
C ASN A 348 -14.18 -3.60 26.98
N GLN A 349 -14.76 -4.77 26.68
CA GLN A 349 -15.14 -5.14 25.31
C GLN A 349 -13.93 -5.24 24.38
N THR A 350 -12.76 -5.45 24.97
CA THR A 350 -11.51 -5.58 24.22
C THR A 350 -10.74 -6.81 24.71
N LEU A 351 -9.85 -7.31 23.87
CA LEU A 351 -9.04 -8.47 24.25
C LEU A 351 -7.78 -8.03 24.99
N LEU A 352 -7.66 -6.74 25.24
CA LEU A 352 -6.50 -6.21 25.96
C LEU A 352 -6.76 -5.94 27.44
N THR A 353 -6.26 -6.84 28.28
CA THR A 353 -6.41 -6.71 29.73
C THR A 353 -5.20 -5.96 30.29
N PRO A 354 -5.45 -4.93 31.12
CA PRO A 354 -4.35 -4.17 31.70
C PRO A 354 -3.63 -5.02 32.75
N VAL A 355 -2.30 -5.06 32.68
CA VAL A 355 -1.54 -5.87 33.63
C VAL A 355 -0.44 -5.06 34.32
N ARG A 356 -0.43 -5.13 35.65
CA ARG A 356 0.56 -4.43 36.47
C ARG A 356 1.98 -4.81 36.08
N LYS A 357 2.85 -3.81 35.93
CA LYS A 357 4.24 -4.06 35.58
C LYS A 357 4.81 -5.06 36.58
N THR A 358 4.35 -4.96 37.83
CA THR A 358 4.80 -5.83 38.91
C THR A 358 4.75 -7.31 38.55
N LEU A 359 3.61 -7.77 38.04
CA LEU A 359 3.44 -9.18 37.69
C LEU A 359 4.28 -9.57 36.48
N ILE A 360 4.41 -8.65 35.52
CA ILE A 360 5.18 -8.92 34.32
C ILE A 360 6.66 -9.08 34.62
N LYS A 361 7.20 -8.19 35.46
CA LYS A 361 8.62 -8.27 35.81
C LYS A 361 8.91 -9.50 36.66
N GLU A 362 7.96 -9.89 37.50
CA GLU A 362 8.11 -11.05 38.35
C GLU A 362 8.24 -12.34 37.52
N VAL A 363 7.32 -12.54 36.57
CA VAL A 363 7.35 -13.74 35.75
C VAL A 363 8.57 -13.81 34.84
N ILE A 364 9.00 -12.67 34.31
CA ILE A 364 10.17 -12.62 33.46
C ILE A 364 11.42 -12.97 34.27
N ARG A 365 11.47 -12.48 35.51
CA ARG A 365 12.60 -12.72 36.39
C ARG A 365 12.72 -14.18 36.84
N GLU A 366 11.60 -14.86 37.06
CA GLU A 366 11.65 -16.25 37.50
C GLU A 366 11.94 -17.28 36.41
N GLY A 367 11.64 -16.94 35.16
CA GLY A 367 11.90 -17.87 34.08
C GLY A 367 11.08 -19.15 34.15
N LEU A 368 11.58 -20.22 33.56
CA LEU A 368 10.87 -21.50 33.56
C LEU A 368 11.83 -22.67 33.57
N THR B 2 -15.55 27.87 1.57
CA THR B 2 -16.50 26.75 1.29
C THR B 2 -15.93 25.42 1.78
N THR B 3 -16.82 24.51 2.15
CA THR B 3 -16.41 23.19 2.63
C THR B 3 -17.30 22.11 2.05
N LYS B 4 -16.68 21.16 1.36
CA LYS B 4 -17.41 20.05 0.75
C LYS B 4 -16.88 18.75 1.31
N GLN B 5 -17.78 17.78 1.48
CA GLN B 5 -17.38 16.47 1.98
C GLN B 5 -17.02 15.66 0.75
N ILE B 6 -15.83 15.07 0.76
CA ILE B 6 -15.37 14.27 -0.37
C ILE B 6 -15.36 12.80 0.03
N CYS B 7 -16.11 11.98 -0.70
CA CYS B 7 -16.15 10.55 -0.38
C CYS B 7 -15.69 9.62 -1.50
N PHE B 8 -14.70 8.79 -1.20
CA PHE B 8 -14.23 7.80 -2.15
C PHE B 8 -14.72 6.49 -1.53
N ALA B 9 -15.87 6.03 -2.02
CA ALA B 9 -16.48 4.82 -1.49
C ALA B 9 -16.90 5.17 -0.06
N ASP B 10 -16.37 4.47 0.92
CA ASP B 10 -16.72 4.75 2.31
C ASP B 10 -15.68 5.60 3.05
N ARG B 11 -14.61 5.98 2.35
CA ARG B 11 -13.56 6.78 2.97
C ARG B 11 -13.73 8.26 2.58
N CYS B 12 -14.21 9.06 3.52
CA CYS B 12 -14.46 10.47 3.25
C CYS B 12 -13.54 11.44 4.00
N PHE B 13 -13.56 12.70 3.57
CA PHE B 13 -12.76 13.75 4.20
C PHE B 13 -13.34 15.10 3.82
N ASN B 14 -13.16 16.10 4.70
CA ASN B 14 -13.65 17.45 4.45
C ASN B 14 -12.63 18.27 3.67
N PHE B 15 -13.10 18.93 2.62
CA PHE B 15 -12.25 19.75 1.79
C PHE B 15 -12.69 21.21 1.93
N ALA B 16 -11.87 22.00 2.60
CA ALA B 16 -12.16 23.41 2.78
C ALA B 16 -11.24 24.22 1.85
N PHE B 17 -11.83 25.21 1.18
CA PHE B 17 -11.09 26.06 0.29
C PHE B 17 -11.67 27.46 0.35
N GLY B 18 -10.80 28.43 0.62
CA GLY B 18 -11.24 29.81 0.72
C GLY B 18 -10.06 30.64 1.17
N GLU B 19 -10.26 31.96 1.29
CA GLU B 19 -9.16 32.82 1.71
C GLU B 19 -8.87 32.60 3.19
N HIS B 20 -7.59 32.47 3.51
CA HIS B 20 -7.14 32.25 4.88
C HIS B 20 -7.90 31.11 5.56
N VAL B 21 -7.91 29.93 4.92
CA VAL B 21 -8.60 28.77 5.49
C VAL B 21 -7.82 28.17 6.64
N LEU B 22 -6.49 28.26 6.59
CA LEU B 22 -5.65 27.71 7.65
C LEU B 22 -5.90 28.45 8.96
N GLU B 23 -6.30 29.71 8.85
CA GLU B 23 -6.57 30.53 10.02
C GLU B 23 -7.83 30.03 10.73
N SER B 24 -8.28 28.83 10.36
CA SER B 24 -9.47 28.25 10.98
C SER B 24 -9.43 26.73 11.06
N VAL B 25 -8.23 26.15 11.00
CA VAL B 25 -8.08 24.70 11.08
C VAL B 25 -8.69 24.18 12.37
N GLU B 26 -8.68 25.02 13.39
CA GLU B 26 -9.21 24.66 14.71
C GLU B 26 -10.72 24.39 14.69
N SER B 27 -11.38 24.72 13.59
CA SER B 27 -12.82 24.51 13.50
C SER B 27 -13.18 23.25 12.70
N TYR B 28 -12.17 22.62 12.09
CA TYR B 28 -12.41 21.40 11.32
C TYR B 28 -11.74 20.20 11.99
N ILE B 29 -10.68 20.46 12.75
CA ILE B 29 -9.95 19.40 13.44
C ILE B 29 -9.94 19.59 14.95
N PRO B 30 -10.47 18.61 15.69
CA PRO B 30 -10.48 18.74 17.14
C PRO B 30 -9.04 18.64 17.63
N ARG B 31 -8.67 19.48 18.61
CA ARG B 31 -7.31 19.49 19.12
C ARG B 31 -6.82 18.16 19.71
N ASP B 32 -7.75 17.26 19.98
CA ASP B 32 -7.41 15.96 20.55
C ASP B 32 -7.21 14.88 19.49
N GLU B 33 -7.58 15.20 18.25
CA GLU B 33 -7.45 14.25 17.15
C GLU B 33 -6.01 13.74 16.98
N PHE B 34 -5.08 14.65 16.74
CA PHE B 34 -3.68 14.27 16.56
C PHE B 34 -2.84 14.90 17.67
N ASP B 35 -1.72 14.28 17.99
CA ASP B 35 -0.86 14.77 19.05
C ASP B 35 0.40 15.42 18.49
N GLN B 36 0.51 15.45 17.16
CA GLN B 36 1.69 16.01 16.51
C GLN B 36 1.48 16.15 15.02
N TYR B 37 2.14 17.12 14.41
CA TYR B 37 2.03 17.33 12.97
C TYR B 37 3.42 17.39 12.32
N ILE B 38 3.66 16.50 11.36
CA ILE B 38 4.93 16.50 10.65
C ILE B 38 4.61 17.19 9.32
N MET B 39 5.13 18.40 9.16
CA MET B 39 4.90 19.17 7.95
C MET B 39 5.98 18.89 6.91
N ILE B 40 5.58 18.30 5.79
CA ILE B 40 6.49 17.96 4.71
C ILE B 40 6.30 18.87 3.49
N SER B 41 7.40 19.43 2.99
CA SER B 41 7.37 20.31 1.82
C SER B 41 8.69 20.25 1.05
N ASP B 42 8.62 20.05 -0.26
CA ASP B 42 9.85 20.02 -1.04
C ASP B 42 10.44 21.43 -1.07
N SER B 43 11.72 21.52 -1.37
CA SER B 43 12.41 22.81 -1.40
C SER B 43 11.83 23.87 -2.36
N GLY B 44 11.22 23.41 -3.44
CA GLY B 44 10.67 24.34 -4.40
C GLY B 44 9.48 25.15 -3.88
N VAL B 45 9.03 24.83 -2.66
CA VAL B 45 7.90 25.53 -2.06
C VAL B 45 8.34 26.75 -1.24
N PRO B 46 7.69 27.90 -1.45
CA PRO B 46 8.02 29.14 -0.73
C PRO B 46 7.98 28.97 0.79
N ASP B 47 9.09 29.31 1.45
CA ASP B 47 9.18 29.19 2.90
C ASP B 47 8.06 29.92 3.60
N SER B 48 7.75 31.13 3.15
CA SER B 48 6.69 31.91 3.75
C SER B 48 5.39 31.12 3.89
N ILE B 49 5.10 30.26 2.92
CA ILE B 49 3.88 29.45 2.97
C ILE B 49 4.01 28.35 4.00
N VAL B 50 5.16 27.69 4.00
CA VAL B 50 5.44 26.62 4.94
C VAL B 50 5.35 27.11 6.37
N HIS B 51 5.98 28.26 6.64
CA HIS B 51 5.98 28.81 7.99
C HIS B 51 4.60 29.36 8.36
N TYR B 52 3.86 29.80 7.35
CA TYR B 52 2.52 30.33 7.57
C TYR B 52 1.62 29.19 8.04
N ALA B 53 1.68 28.06 7.34
CA ALA B 53 0.87 26.89 7.67
C ALA B 53 1.26 26.30 9.02
N ALA B 54 2.56 26.29 9.32
CA ALA B 54 3.06 25.74 10.58
C ALA B 54 2.54 26.53 11.79
N GLU B 55 2.44 27.84 11.63
CA GLU B 55 1.97 28.72 12.69
C GLU B 55 0.56 28.37 13.16
N TYR B 56 -0.33 28.05 12.23
CA TYR B 56 -1.71 27.72 12.58
C TYR B 56 -1.92 26.28 13.03
N PHE B 57 -1.13 25.35 12.52
CA PHE B 57 -1.27 23.96 12.95
C PHE B 57 -0.63 23.83 14.31
N GLY B 58 0.33 24.72 14.58
CA GLY B 58 1.02 24.71 15.86
C GLY B 58 0.11 25.11 17.01
N LYS B 59 -1.11 25.53 16.68
CA LYS B 59 -2.07 25.92 17.71
C LYS B 59 -2.84 24.70 18.16
N LEU B 60 -2.76 23.63 17.38
CA LEU B 60 -3.46 22.39 17.72
C LEU B 60 -2.51 21.44 18.44
N ALA B 61 -1.26 21.41 18.00
CA ALA B 61 -0.25 20.53 18.58
C ALA B 61 1.12 20.92 18.05
N PRO B 62 2.19 20.31 18.59
CA PRO B 62 3.54 20.62 18.12
C PRO B 62 3.77 20.28 16.65
N VAL B 63 4.39 21.21 15.93
CA VAL B 63 4.67 21.02 14.51
C VAL B 63 6.17 20.91 14.22
N HIS B 64 6.54 19.93 13.41
CA HIS B 64 7.94 19.72 13.02
C HIS B 64 8.01 19.77 11.50
N ILE B 65 8.76 20.73 10.98
CA ILE B 65 8.89 20.89 9.53
C ILE B 65 10.03 20.04 8.94
N LEU B 66 9.68 19.26 7.93
CA LEU B 66 10.66 18.41 7.23
C LEU B 66 10.67 18.81 5.75
N ARG B 67 11.80 19.37 5.32
CA ARG B 67 11.95 19.78 3.93
C ARG B 67 12.81 18.75 3.21
N PHE B 68 12.62 18.63 1.89
CA PHE B 68 13.40 17.70 1.09
C PHE B 68 13.60 18.28 -0.31
N GLN B 69 14.67 17.83 -0.98
CA GLN B 69 15.02 18.28 -2.32
C GLN B 69 13.91 18.07 -3.34
N GLY B 70 13.41 19.17 -3.90
CA GLY B 70 12.36 19.07 -4.90
C GLY B 70 12.92 18.54 -6.21
N GLY B 71 12.05 18.35 -7.19
CA GLY B 71 12.50 17.85 -8.47
C GLY B 71 12.14 16.40 -8.72
N GLU B 72 11.72 16.12 -9.94
CA GLU B 72 11.31 14.78 -10.33
C GLU B 72 12.41 13.74 -10.14
N GLU B 73 13.66 14.19 -10.11
CA GLU B 73 14.79 13.28 -9.93
C GLU B 73 14.89 12.76 -8.50
N TYR B 74 14.30 13.50 -7.55
CA TYR B 74 14.33 13.09 -6.16
C TYR B 74 13.03 12.48 -5.66
N LYS B 75 12.02 12.40 -6.53
CA LYS B 75 10.74 11.82 -6.13
C LYS B 75 10.89 10.30 -6.17
N THR B 76 11.55 9.76 -5.15
CA THR B 76 11.82 8.33 -5.09
C THR B 76 11.53 7.73 -3.71
N LEU B 77 11.56 6.40 -3.63
CA LEU B 77 11.33 5.71 -2.37
C LEU B 77 12.45 6.04 -1.39
N SER B 78 13.63 6.38 -1.92
CA SER B 78 14.77 6.73 -1.07
C SER B 78 14.43 7.98 -0.27
N THR B 79 13.78 8.94 -0.93
CA THR B 79 13.41 10.17 -0.26
C THR B 79 12.31 9.90 0.76
N VAL B 80 11.39 8.99 0.42
CA VAL B 80 10.32 8.64 1.33
C VAL B 80 10.92 8.00 2.59
N THR B 81 11.80 7.03 2.38
CA THR B 81 12.45 6.36 3.50
C THR B 81 13.14 7.37 4.41
N ASN B 82 13.90 8.30 3.81
CA ASN B 82 14.60 9.32 4.59
C ASN B 82 13.65 10.16 5.44
N LEU B 83 12.52 10.56 4.86
CA LEU B 83 11.53 11.36 5.59
C LEU B 83 10.90 10.55 6.73
N GLN B 84 10.68 9.26 6.50
CA GLN B 84 10.09 8.36 7.50
C GLN B 84 11.04 8.19 8.68
N GLU B 85 12.32 7.99 8.38
CA GLU B 85 13.35 7.82 9.41
C GLU B 85 13.38 9.05 10.30
N ARG B 86 13.39 10.23 9.67
CA ARG B 86 13.42 11.50 10.40
C ARG B 86 12.14 11.71 11.20
N ALA B 87 11.01 11.31 10.62
CA ALA B 87 9.73 11.45 11.31
C ALA B 87 9.77 10.65 12.61
N ILE B 88 10.30 9.44 12.53
CA ILE B 88 10.40 8.58 13.71
C ILE B 88 11.34 9.14 14.77
N ALA B 89 12.47 9.68 14.35
CA ALA B 89 13.42 10.25 15.29
C ALA B 89 12.75 11.40 16.05
N LEU B 90 11.79 12.05 15.40
CA LEU B 90 11.08 13.17 16.03
C LEU B 90 9.94 12.66 16.92
N GLY B 91 9.83 11.35 17.05
CA GLY B 91 8.79 10.78 17.89
C GLY B 91 7.43 10.53 17.24
N ALA B 92 7.42 10.40 15.92
CA ALA B 92 6.18 10.15 15.21
C ALA B 92 5.56 8.81 15.62
N ASN B 93 4.24 8.79 15.72
CA ASN B 93 3.52 7.57 16.09
C ASN B 93 2.17 7.53 15.39
N ARG B 94 1.31 6.60 15.80
CA ARG B 94 -0.01 6.43 15.19
C ARG B 94 -0.98 7.60 15.42
N ARG B 95 -0.57 8.55 16.24
CA ARG B 95 -1.41 9.71 16.52
C ARG B 95 -0.86 10.95 15.81
N THR B 96 0.27 10.77 15.12
CA THR B 96 0.89 11.86 14.36
C THR B 96 0.17 12.00 13.04
N ALA B 97 0.17 13.22 12.48
CA ALA B 97 -0.46 13.47 11.20
C ALA B 97 0.52 14.11 10.23
N ILE B 98 0.55 13.59 9.00
CA ILE B 98 1.43 14.14 7.98
C ILE B 98 0.71 15.28 7.26
N VAL B 99 1.34 16.44 7.21
CA VAL B 99 0.74 17.59 6.53
C VAL B 99 1.58 17.92 5.31
N ALA B 100 1.04 17.64 4.13
CA ALA B 100 1.74 17.90 2.87
C ALA B 100 1.46 19.31 2.35
N VAL B 101 2.46 20.17 2.44
CA VAL B 101 2.32 21.56 1.99
C VAL B 101 3.16 21.76 0.74
N GLY B 102 2.47 21.86 -0.41
CA GLY B 102 3.15 22.04 -1.67
C GLY B 102 2.29 21.61 -2.84
N GLY B 103 2.94 21.34 -3.97
CA GLY B 103 2.23 20.92 -5.17
C GLY B 103 2.03 19.42 -5.25
N GLY B 104 1.94 18.92 -6.48
CA GLY B 104 1.74 17.48 -6.67
C GLY B 104 2.89 16.60 -6.23
N LEU B 105 4.12 17.04 -6.47
CA LEU B 105 5.28 16.26 -6.10
C LEU B 105 5.32 16.05 -4.57
N THR B 106 5.08 17.11 -3.81
CA THR B 106 5.06 17.01 -2.36
C THR B 106 3.91 16.09 -1.92
N GLY B 107 2.76 16.28 -2.54
CA GLY B 107 1.60 15.47 -2.23
C GLY B 107 1.86 13.98 -2.36
N ASN B 108 2.51 13.57 -3.45
CA ASN B 108 2.82 12.16 -3.69
C ASN B 108 3.84 11.58 -2.71
N VAL B 109 4.91 12.32 -2.46
CA VAL B 109 5.95 11.85 -1.55
C VAL B 109 5.40 11.70 -0.12
N ALA B 110 4.69 12.72 0.35
CA ALA B 110 4.09 12.68 1.69
C ALA B 110 2.99 11.62 1.72
N GLY B 111 2.34 11.40 0.57
CA GLY B 111 1.27 10.42 0.52
C GLY B 111 1.77 9.00 0.65
N VAL B 112 2.89 8.69 0.00
CA VAL B 112 3.46 7.36 0.10
C VAL B 112 4.02 7.18 1.51
N ALA B 113 4.64 8.23 2.04
CA ALA B 113 5.22 8.19 3.38
C ALA B 113 4.14 7.92 4.44
N ALA B 114 3.05 8.68 4.39
CA ALA B 114 1.96 8.51 5.35
C ALA B 114 1.28 7.14 5.22
N GLY B 115 1.13 6.67 3.99
CA GLY B 115 0.48 5.38 3.77
C GLY B 115 1.24 4.17 4.27
N MET B 116 2.56 4.27 4.36
CA MET B 116 3.37 3.14 4.81
C MET B 116 3.75 3.12 6.30
N MET B 117 3.86 4.30 6.91
CA MET B 117 4.22 4.39 8.33
C MET B 117 3.19 3.70 9.21
N PHE B 118 3.64 2.67 9.93
CA PHE B 118 2.78 1.88 10.80
C PHE B 118 1.63 1.34 9.97
N ARG B 119 1.90 1.18 8.68
CA ARG B 119 0.91 0.70 7.71
C ARG B 119 -0.23 1.69 7.49
N GLY B 120 0.04 2.97 7.71
CA GLY B 120 -0.97 3.98 7.47
C GLY B 120 -1.37 4.98 8.54
N ILE B 121 -0.90 6.22 8.42
CA ILE B 121 -1.27 7.26 9.37
C ILE B 121 -1.95 8.41 8.60
N ALA B 122 -2.57 9.33 9.34
CA ALA B 122 -3.30 10.45 8.75
C ALA B 122 -2.50 11.36 7.81
N LEU B 123 -3.09 11.62 6.64
CA LEU B 123 -2.49 12.48 5.61
C LEU B 123 -3.33 13.75 5.53
N ILE B 124 -2.70 14.91 5.58
CA ILE B 124 -3.42 16.17 5.46
C ILE B 124 -2.80 17.00 4.32
N HIS B 125 -3.61 17.34 3.32
CA HIS B 125 -3.13 18.11 2.18
C HIS B 125 -3.39 19.62 2.26
N VAL B 126 -2.35 20.40 2.01
CA VAL B 126 -2.44 21.86 1.97
C VAL B 126 -1.83 22.24 0.61
N PRO B 127 -2.62 22.06 -0.47
CA PRO B 127 -2.25 22.33 -1.88
C PRO B 127 -1.88 23.79 -2.11
N THR B 128 -0.71 24.03 -2.69
CA THR B 128 -0.26 25.39 -2.95
C THR B 128 -0.33 25.78 -4.44
N THR B 129 -0.69 24.83 -5.29
CA THR B 129 -0.81 25.11 -6.73
C THR B 129 -2.26 24.84 -7.17
N PHE B 130 -2.68 25.49 -8.25
CA PHE B 130 -4.03 25.30 -8.73
C PHE B 130 -4.27 23.89 -9.30
N LEU B 131 -3.23 23.30 -9.89
CA LEU B 131 -3.35 21.95 -10.45
C LEU B 131 -3.59 20.93 -9.34
N ALA B 132 -2.82 21.04 -8.26
CA ALA B 132 -2.97 20.12 -7.15
C ALA B 132 -4.31 20.29 -6.44
N ALA B 133 -4.73 21.52 -6.26
CA ALA B 133 -5.99 21.81 -5.56
C ALA B 133 -7.26 21.50 -6.34
N SER B 134 -7.19 21.55 -7.67
CA SER B 134 -8.37 21.30 -8.48
C SER B 134 -8.35 19.94 -9.20
N ASP B 135 -7.25 19.21 -9.07
CA ASP B 135 -7.16 17.91 -9.73
C ASP B 135 -6.50 16.75 -8.95
N SER B 136 -5.20 16.88 -8.64
CA SER B 136 -4.50 15.81 -7.96
C SER B 136 -5.00 15.46 -6.57
N VAL B 137 -5.56 16.44 -5.87
CA VAL B 137 -6.09 16.24 -4.53
C VAL B 137 -7.44 15.50 -4.60
N LEU B 138 -8.03 15.48 -5.79
CA LEU B 138 -9.30 14.81 -6.03
C LEU B 138 -9.00 13.48 -6.73
N SER B 139 -8.04 12.76 -6.15
CA SER B 139 -7.59 11.46 -6.62
C SER B 139 -6.83 10.85 -5.44
N ILE B 140 -6.99 9.56 -5.19
CA ILE B 140 -6.27 8.96 -4.06
C ILE B 140 -5.06 8.14 -4.49
N LYS B 141 -4.61 8.37 -5.72
CA LYS B 141 -3.43 7.68 -6.23
C LYS B 141 -2.20 8.35 -5.63
N GLN B 142 -1.23 7.53 -5.23
CA GLN B 142 0.03 8.01 -4.66
C GLN B 142 1.10 7.28 -5.45
N ALA B 143 2.24 7.92 -5.67
CA ALA B 143 3.31 7.26 -6.40
C ALA B 143 4.59 8.08 -6.47
N VAL B 144 5.73 7.38 -6.60
CA VAL B 144 7.04 8.01 -6.74
C VAL B 144 7.71 7.30 -7.90
N ASN B 145 8.80 7.86 -8.40
CA ASN B 145 9.49 7.29 -9.53
C ASN B 145 10.53 6.22 -9.22
N LEU B 146 10.89 5.50 -10.29
CA LEU B 146 11.91 4.47 -10.29
C LEU B 146 12.90 4.92 -11.35
N THR B 147 14.15 4.50 -11.24
CA THR B 147 15.16 4.88 -12.22
C THR B 147 14.65 4.65 -13.64
N SER B 148 13.89 3.56 -13.82
CA SER B 148 13.36 3.17 -15.12
C SER B 148 11.99 3.73 -15.51
N GLY B 149 11.43 4.65 -14.70
CA GLY B 149 10.13 5.18 -15.05
C GLY B 149 9.43 6.03 -14.02
N LYS B 150 8.60 6.94 -14.51
CA LYS B 150 7.85 7.85 -13.66
C LYS B 150 6.64 7.18 -13.03
N ASN B 151 6.43 7.44 -11.74
CA ASN B 151 5.29 6.91 -11.00
C ASN B 151 5.01 5.42 -11.17
N LEU B 152 6.06 4.61 -11.19
CA LEU B 152 5.86 3.17 -11.35
C LEU B 152 5.61 2.46 -10.03
N VAL B 153 5.86 3.14 -8.91
CA VAL B 153 5.65 2.54 -7.60
C VAL B 153 4.76 3.41 -6.72
N GLY B 154 3.70 2.80 -6.19
CA GLY B 154 2.77 3.53 -5.35
C GLY B 154 1.56 2.68 -4.98
N PHE B 155 0.47 3.34 -4.62
CA PHE B 155 -0.75 2.66 -4.24
C PHE B 155 -1.86 3.68 -4.07
N TYR B 156 -3.01 3.25 -3.58
CA TYR B 156 -4.14 4.17 -3.37
C TYR B 156 -4.27 4.46 -1.87
N TYR B 157 -4.35 5.73 -1.52
CA TYR B 157 -4.46 6.15 -0.13
C TYR B 157 -5.13 7.51 -0.02
N PRO B 158 -6.29 7.57 0.67
CA PRO B 158 -7.05 8.82 0.84
C PRO B 158 -6.55 9.68 2.00
N PRO B 159 -6.77 11.00 1.91
CA PRO B 159 -6.36 11.94 2.95
C PRO B 159 -7.50 12.08 3.95
N ARG B 160 -7.23 12.72 5.09
CA ARG B 160 -8.25 12.91 6.10
C ARG B 160 -8.79 14.34 6.12
N PHE B 161 -8.02 15.27 5.56
CA PHE B 161 -8.40 16.68 5.48
C PHE B 161 -7.65 17.34 4.33
N VAL B 162 -8.27 18.34 3.73
CA VAL B 162 -7.65 19.11 2.65
C VAL B 162 -8.03 20.58 2.82
N PHE B 163 -7.02 21.45 2.85
CA PHE B 163 -7.24 22.89 2.98
C PHE B 163 -6.56 23.64 1.83
N ALA B 164 -7.36 24.34 1.04
CA ALA B 164 -6.83 25.11 -0.08
C ALA B 164 -7.10 26.59 0.15
N ASP B 165 -6.02 27.36 0.27
CA ASP B 165 -6.10 28.81 0.48
C ASP B 165 -6.18 29.47 -0.90
N THR B 166 -7.33 30.06 -1.21
CA THR B 166 -7.51 30.69 -2.52
C THR B 166 -6.72 31.97 -2.71
N ARG B 167 -6.31 32.60 -1.62
CA ARG B 167 -5.52 33.82 -1.70
C ARG B 167 -4.15 33.43 -2.24
N ILE B 168 -3.58 32.36 -1.68
CA ILE B 168 -2.28 31.86 -2.10
C ILE B 168 -2.35 31.40 -3.56
N LEU B 169 -3.42 30.70 -3.90
CA LEU B 169 -3.59 30.20 -5.25
C LEU B 169 -3.68 31.33 -6.27
N SER B 170 -4.39 32.40 -5.91
CA SER B 170 -4.56 33.54 -6.81
C SER B 170 -3.27 34.31 -7.03
N GLU B 171 -2.25 34.01 -6.23
CA GLU B 171 -0.97 34.70 -6.37
C GLU B 171 0.12 33.80 -6.93
N SER B 172 -0.24 32.59 -7.34
CA SER B 172 0.73 31.69 -7.92
C SER B 172 0.94 32.15 -9.36
N PRO B 173 2.08 31.79 -9.97
CA PRO B 173 2.31 32.22 -11.35
C PRO B 173 1.25 31.81 -12.38
N PRO B 174 0.96 32.69 -13.35
CA PRO B 174 -0.02 32.44 -14.40
C PRO B 174 0.13 31.09 -15.11
N ARG B 175 1.35 30.79 -15.57
CA ARG B 175 1.57 29.54 -16.30
C ARG B 175 1.23 28.31 -15.48
N GLN B 176 1.53 28.37 -14.18
CA GLN B 176 1.25 27.26 -13.27
C GLN B 176 -0.26 27.15 -13.08
N VAL B 177 -0.95 28.28 -13.09
CA VAL B 177 -2.40 28.30 -12.97
C VAL B 177 -2.99 27.68 -14.24
N LYS B 178 -2.42 28.04 -15.38
CA LYS B 178 -2.87 27.53 -16.67
C LYS B 178 -2.85 26.00 -16.74
N ALA B 179 -1.84 25.39 -16.14
CA ALA B 179 -1.73 23.92 -16.13
C ALA B 179 -2.97 23.29 -15.48
N GLY B 180 -3.48 23.93 -14.45
CA GLY B 180 -4.67 23.40 -13.79
C GLY B 180 -5.89 23.70 -14.63
N MET B 181 -5.90 24.87 -15.27
CA MET B 181 -7.03 25.25 -16.11
C MET B 181 -7.17 24.30 -17.30
N CYS B 182 -6.06 23.74 -17.76
CA CYS B 182 -6.09 22.80 -18.87
C CYS B 182 -6.91 21.56 -18.49
N GLU B 183 -6.77 21.11 -17.25
CA GLU B 183 -7.49 19.94 -16.74
C GLU B 183 -8.97 20.30 -16.53
N LEU B 184 -9.26 21.55 -16.18
CA LEU B 184 -10.62 22.02 -15.98
C LEU B 184 -11.35 22.03 -17.32
N VAL B 185 -10.68 22.53 -18.37
CA VAL B 185 -11.27 22.55 -19.70
C VAL B 185 -11.52 21.10 -20.10
N LYS B 186 -10.65 20.21 -19.65
CA LYS B 186 -10.78 18.79 -19.95
C LYS B 186 -12.10 18.29 -19.37
N ASN B 187 -12.40 18.73 -18.14
CA ASN B 187 -13.64 18.33 -17.48
C ASN B 187 -14.84 18.88 -18.24
N MET B 188 -14.69 20.06 -18.82
CA MET B 188 -15.75 20.68 -19.59
C MET B 188 -16.02 19.91 -20.90
N LEU B 189 -14.96 19.34 -21.47
CA LEU B 189 -15.03 18.61 -22.73
C LEU B 189 -15.57 17.18 -22.64
N ILE B 190 -15.27 16.49 -21.54
CA ILE B 190 -15.67 15.10 -21.39
C ILE B 190 -17.01 14.88 -20.69
N LEU B 191 -17.43 15.85 -19.88
CA LEU B 191 -18.70 15.74 -19.16
C LEU B 191 -19.73 16.75 -19.64
N GLU B 192 -20.99 16.37 -19.52
CA GLU B 192 -22.08 17.26 -19.91
C GLU B 192 -22.49 18.00 -18.64
N ASN B 193 -22.61 19.32 -18.70
CA ASN B 193 -23.00 20.11 -17.55
C ASN B 193 -23.59 21.44 -17.98
N ASP B 194 -24.91 21.54 -17.94
CA ASP B 194 -25.60 22.77 -18.35
C ASP B 194 -25.87 23.72 -17.19
N ASN B 195 -25.31 23.40 -16.02
CA ASN B 195 -25.52 24.24 -14.85
C ASN B 195 -24.24 24.56 -14.11
N LYS B 196 -23.36 25.32 -14.75
CA LYS B 196 -22.11 25.74 -14.15
C LYS B 196 -22.31 27.13 -13.55
N GLU B 197 -21.49 27.48 -12.58
CA GLU B 197 -21.58 28.79 -11.94
C GLU B 197 -20.73 29.80 -12.70
N PHE B 198 -20.31 29.45 -13.91
CA PHE B 198 -19.48 30.32 -14.74
C PHE B 198 -19.60 29.94 -16.21
N THR B 199 -19.31 30.91 -17.08
CA THR B 199 -19.38 30.67 -18.52
C THR B 199 -17.97 30.79 -19.09
N GLU B 200 -17.85 30.50 -20.38
CA GLU B 200 -16.57 30.56 -21.07
C GLU B 200 -16.07 31.99 -21.10
N ASP B 201 -16.99 32.94 -20.94
CA ASP B 201 -16.64 34.35 -20.92
C ASP B 201 -15.82 34.67 -19.67
N ASP B 202 -15.87 33.80 -18.67
CA ASP B 202 -15.13 34.00 -17.42
C ASP B 202 -13.71 33.44 -17.48
N LEU B 203 -13.36 32.83 -18.61
CA LEU B 203 -12.02 32.28 -18.78
C LEU B 203 -11.14 33.32 -19.47
N ASN B 204 -9.89 33.46 -19.04
CA ASN B 204 -8.97 34.42 -19.66
C ASN B 204 -7.63 33.76 -20.02
N SER B 205 -6.98 34.26 -21.06
CA SER B 205 -5.72 33.67 -21.52
C SER B 205 -4.53 34.05 -20.65
N ALA B 206 -4.63 35.17 -19.94
CA ALA B 206 -3.55 35.62 -19.07
C ALA B 206 -3.46 34.71 -17.84
N ASN B 207 -4.57 34.06 -17.52
CA ASN B 207 -4.62 33.16 -16.37
C ASN B 207 -4.33 33.84 -15.04
N VAL B 208 -5.04 34.95 -14.82
CA VAL B 208 -4.95 35.72 -13.60
C VAL B 208 -6.38 35.77 -13.06
N TYR B 209 -6.60 35.21 -11.88
CA TYR B 209 -7.92 35.21 -11.29
C TYR B 209 -7.92 35.67 -9.84
N SER B 210 -9.11 36.06 -9.36
CA SER B 210 -9.29 36.49 -7.99
C SER B 210 -9.51 35.26 -7.13
N PRO B 211 -9.40 35.40 -5.80
CA PRO B 211 -9.61 34.27 -4.90
C PRO B 211 -10.97 33.60 -5.13
N LYS B 212 -12.01 34.41 -5.22
CA LYS B 212 -13.36 33.89 -5.43
C LYS B 212 -13.53 33.15 -6.76
N GLN B 213 -12.89 33.66 -7.82
CA GLN B 213 -13.00 33.03 -9.13
C GLN B 213 -12.38 31.64 -9.09
N LEU B 214 -11.28 31.47 -8.35
CA LEU B 214 -10.66 30.15 -8.26
C LEU B 214 -11.50 29.23 -7.37
N GLU B 215 -12.17 29.80 -6.37
CA GLU B 215 -13.02 29.03 -5.48
C GLU B 215 -14.12 28.39 -6.32
N THR B 216 -14.69 29.18 -7.23
CA THR B 216 -15.74 28.68 -8.12
C THR B 216 -15.19 27.54 -8.99
N PHE B 217 -13.98 27.73 -9.54
CA PHE B 217 -13.36 26.72 -10.39
C PHE B 217 -13.16 25.42 -9.62
N ILE B 218 -12.65 25.53 -8.40
CA ILE B 218 -12.43 24.36 -7.55
C ILE B 218 -13.75 23.65 -7.27
N ASN B 219 -14.80 24.42 -6.98
CA ASN B 219 -16.09 23.83 -6.69
C ASN B 219 -16.61 23.05 -7.90
N PHE B 220 -16.36 23.58 -9.10
CA PHE B 220 -16.78 22.92 -10.33
C PHE B 220 -16.05 21.58 -10.53
N CYS B 221 -14.74 21.55 -10.25
CA CYS B 221 -13.95 20.32 -10.41
C CYS B 221 -14.37 19.24 -9.39
N ILE B 222 -14.67 19.67 -8.17
CA ILE B 222 -15.12 18.74 -7.14
C ILE B 222 -16.36 18.00 -7.66
N SER B 223 -17.33 18.76 -8.15
CA SER B 223 -18.57 18.19 -8.67
C SER B 223 -18.35 17.31 -9.89
N ALA B 224 -17.48 17.74 -10.79
CA ALA B 224 -17.21 16.98 -12.01
C ALA B 224 -16.54 15.64 -11.72
N LYS B 225 -15.40 15.66 -11.04
CA LYS B 225 -14.69 14.41 -10.75
C LYS B 225 -15.39 13.45 -9.78
N MET B 226 -15.91 13.97 -8.66
CA MET B 226 -16.56 13.11 -7.69
C MET B 226 -17.87 12.51 -8.16
N SER B 227 -18.49 13.12 -9.17
CA SER B 227 -19.74 12.60 -9.70
C SER B 227 -19.43 11.24 -10.31
N VAL B 228 -18.16 11.00 -10.57
CA VAL B 228 -17.71 9.75 -11.16
C VAL B 228 -16.83 8.90 -10.25
N LEU B 229 -15.84 9.53 -9.61
CA LEU B 229 -14.91 8.81 -8.76
C LEU B 229 -15.43 8.38 -7.38
N SER B 230 -16.59 8.89 -6.97
CA SER B 230 -17.16 8.49 -5.69
C SER B 230 -17.35 6.98 -5.71
N GLU B 231 -17.60 6.44 -6.89
CA GLU B 231 -17.80 5.00 -7.06
C GLU B 231 -16.57 4.30 -7.64
N ASP B 232 -16.01 4.85 -8.71
CA ASP B 232 -14.83 4.25 -9.33
C ASP B 232 -13.58 4.80 -8.65
N ILE B 233 -13.37 4.37 -7.40
CA ILE B 233 -12.24 4.83 -6.60
C ILE B 233 -10.85 4.61 -7.19
N TYR B 234 -10.67 3.54 -7.95
CA TYR B 234 -9.38 3.23 -8.55
C TYR B 234 -9.23 3.77 -9.97
N GLU B 235 -10.25 4.48 -10.44
CA GLU B 235 -10.24 5.07 -11.78
C GLU B 235 -9.93 4.06 -12.89
N LYS B 236 -10.51 2.87 -12.77
CA LYS B 236 -10.28 1.82 -13.75
C LYS B 236 -11.49 1.56 -14.65
N LYS B 237 -12.61 2.21 -14.35
CA LYS B 237 -13.82 2.03 -15.16
C LYS B 237 -14.24 3.36 -15.78
N LYS B 238 -15.38 3.87 -15.38
CA LYS B 238 -15.86 5.14 -15.91
C LYS B 238 -14.85 6.23 -15.59
N GLY B 239 -14.09 6.03 -14.52
CA GLY B 239 -13.10 7.01 -14.09
C GLY B 239 -12.00 7.23 -15.10
N LEU B 240 -11.87 6.30 -16.05
CA LEU B 240 -10.85 6.40 -17.08
C LEU B 240 -11.06 7.62 -17.95
N ILE B 241 -12.25 8.18 -17.89
CA ILE B 241 -12.56 9.35 -18.70
C ILE B 241 -11.66 10.53 -18.36
N PHE B 242 -11.16 10.59 -17.12
CA PHE B 242 -10.30 11.70 -16.72
C PHE B 242 -8.90 11.53 -17.27
N GLU B 243 -8.73 10.50 -18.09
CA GLU B 243 -7.44 10.22 -18.71
C GLU B 243 -7.44 10.78 -20.13
N TYR B 244 -8.49 11.51 -20.48
CA TYR B 244 -8.60 12.10 -21.82
C TYR B 244 -7.42 13.03 -22.08
N GLY B 245 -6.78 12.85 -23.23
CA GLY B 245 -5.63 13.67 -23.60
C GLY B 245 -4.32 13.21 -23.00
N HIS B 246 -4.37 12.25 -22.08
CA HIS B 246 -3.17 11.74 -21.42
C HIS B 246 -2.36 10.68 -22.16
N THR B 247 -3.00 9.93 -23.04
CA THR B 247 -2.28 8.88 -23.76
C THR B 247 -1.12 9.44 -24.56
N ILE B 248 -1.38 10.45 -25.40
CA ILE B 248 -0.33 11.06 -26.19
C ILE B 248 0.29 12.22 -25.41
N GLY B 249 -0.51 12.86 -24.56
CA GLY B 249 -0.03 13.96 -23.75
C GLY B 249 1.20 13.57 -22.93
N HIS B 250 1.09 12.44 -22.23
CA HIS B 250 2.19 11.95 -21.40
C HIS B 250 3.47 11.80 -22.22
N ALA B 251 3.35 11.26 -23.44
CA ALA B 251 4.51 11.08 -24.31
C ALA B 251 5.10 12.42 -24.72
N ILE B 252 4.23 13.38 -25.02
CA ILE B 252 4.69 14.70 -25.43
C ILE B 252 5.41 15.39 -24.28
N GLU B 253 4.83 15.27 -23.08
CA GLU B 253 5.41 15.88 -21.90
C GLU B 253 6.84 15.38 -21.72
N LEU B 254 7.05 14.07 -21.87
CA LEU B 254 8.37 13.48 -21.74
C LEU B 254 9.29 13.97 -22.86
N ALA B 255 8.81 13.90 -24.10
CA ALA B 255 9.61 14.34 -25.24
C ALA B 255 10.15 15.77 -25.07
N GLU B 256 9.33 16.66 -24.52
CA GLU B 256 9.74 18.05 -24.31
C GLU B 256 10.72 18.24 -23.16
N GLN B 257 10.93 17.18 -22.39
CA GLN B 257 11.86 17.19 -21.26
C GLN B 257 11.78 18.38 -20.29
N GLY B 258 10.57 18.71 -19.85
CA GLY B 258 10.41 19.81 -18.91
C GLY B 258 10.03 21.14 -19.51
N GLY B 259 10.16 21.26 -20.83
CA GLY B 259 9.83 22.52 -21.51
C GLY B 259 8.39 22.97 -21.42
N ILE B 260 7.46 22.03 -21.29
CA ILE B 260 6.05 22.39 -21.17
C ILE B 260 5.45 21.74 -19.95
N THR B 261 4.39 22.36 -19.43
CA THR B 261 3.71 21.84 -18.25
C THR B 261 2.90 20.60 -18.59
N HIS B 262 2.47 19.89 -17.55
CA HIS B 262 1.65 18.70 -17.74
C HIS B 262 0.32 19.13 -18.39
N GLY B 263 -0.19 20.31 -18.00
CA GLY B 263 -1.45 20.81 -18.55
C GLY B 263 -1.38 21.06 -20.05
N GLU B 264 -0.35 21.80 -20.46
CA GLU B 264 -0.13 22.10 -21.86
C GLU B 264 0.02 20.81 -22.68
N ALA B 265 0.70 19.82 -22.12
CA ALA B 265 0.90 18.54 -22.81
C ALA B 265 -0.42 17.80 -23.01
N ILE B 266 -1.24 17.82 -21.97
CA ILE B 266 -2.54 17.17 -22.01
C ILE B 266 -3.48 17.90 -22.97
N ALA B 267 -3.31 19.22 -23.07
CA ALA B 267 -4.12 20.02 -23.97
C ALA B 267 -3.85 19.59 -25.43
N VAL B 268 -2.58 19.48 -25.79
CA VAL B 268 -2.23 19.06 -27.15
C VAL B 268 -2.71 17.62 -27.31
N GLY B 269 -2.67 16.86 -26.23
CA GLY B 269 -3.12 15.48 -26.28
C GLY B 269 -4.60 15.34 -26.57
N MET B 270 -5.41 16.28 -26.09
CA MET B 270 -6.85 16.21 -26.33
C MET B 270 -7.15 16.53 -27.79
N ILE B 271 -6.49 17.57 -28.31
CA ILE B 271 -6.67 17.97 -29.71
C ILE B 271 -6.33 16.79 -30.62
N TYR B 272 -5.19 16.14 -30.37
CA TYR B 272 -4.79 15.00 -31.16
C TYR B 272 -5.80 13.87 -30.98
N ALA B 273 -6.45 13.82 -29.81
CA ALA B 273 -7.44 12.79 -29.57
C ALA B 273 -8.73 13.12 -30.34
N ALA B 274 -9.03 14.42 -30.42
CA ALA B 274 -10.22 14.87 -31.12
C ALA B 274 -10.08 14.58 -32.62
N LYS B 275 -8.90 14.87 -33.17
CA LYS B 275 -8.67 14.62 -34.59
C LYS B 275 -8.78 13.14 -34.90
N ILE B 276 -8.15 12.32 -34.05
CA ILE B 276 -8.16 10.86 -34.22
C ILE B 276 -9.59 10.33 -34.22
N ALA B 277 -10.42 10.82 -33.31
CA ALA B 277 -11.80 10.38 -33.23
C ALA B 277 -12.52 10.75 -34.53
N ASN B 278 -12.13 11.87 -35.12
CA ASN B 278 -12.72 12.34 -36.36
C ASN B 278 -12.32 11.44 -37.54
N ARG B 279 -11.02 11.16 -37.65
CA ARG B 279 -10.51 10.31 -38.72
C ARG B 279 -11.09 8.90 -38.62
N MET B 280 -11.65 8.57 -37.45
CA MET B 280 -12.25 7.26 -37.22
C MET B 280 -13.78 7.27 -37.29
N ASN B 281 -14.33 8.34 -37.86
CA ASN B 281 -15.78 8.47 -38.02
C ASN B 281 -16.60 8.53 -36.74
N LEU B 282 -15.99 8.99 -35.65
CA LEU B 282 -16.69 9.07 -34.37
C LEU B 282 -17.11 10.48 -34.03
N MET B 283 -16.25 11.45 -34.32
CA MET B 283 -16.53 12.84 -33.98
C MET B 283 -16.56 13.85 -35.13
N PRO B 284 -17.64 14.64 -35.21
CA PRO B 284 -17.83 15.67 -36.24
C PRO B 284 -16.75 16.73 -36.15
N GLU B 285 -16.38 17.30 -37.28
CA GLU B 285 -15.34 18.32 -37.32
C GLU B 285 -15.65 19.49 -36.38
N HIS B 286 -16.94 19.80 -36.23
CA HIS B 286 -17.36 20.90 -35.36
C HIS B 286 -16.85 20.71 -33.93
N ASP B 287 -16.95 19.48 -33.43
CA ASP B 287 -16.48 19.17 -32.08
C ASP B 287 -14.97 19.32 -31.98
N VAL B 288 -14.27 19.08 -33.09
CA VAL B 288 -12.82 19.24 -33.11
C VAL B 288 -12.52 20.71 -32.84
N SER B 289 -13.16 21.59 -33.63
CA SER B 289 -12.98 23.02 -33.47
C SER B 289 -13.30 23.47 -32.05
N ALA B 290 -14.32 22.86 -31.45
CA ALA B 290 -14.70 23.22 -30.08
C ALA B 290 -13.55 23.00 -29.12
N HIS B 291 -12.66 22.05 -29.45
CA HIS B 291 -11.51 21.77 -28.60
C HIS B 291 -10.52 22.94 -28.68
N TYR B 292 -10.21 23.38 -29.89
CA TYR B 292 -9.29 24.50 -30.11
C TYR B 292 -9.83 25.76 -29.45
N TRP B 293 -11.08 26.08 -29.78
CA TRP B 293 -11.76 27.25 -29.26
C TRP B 293 -11.69 27.41 -27.75
N LEU B 294 -12.03 26.34 -27.04
CA LEU B 294 -12.02 26.37 -25.59
C LEU B 294 -10.61 26.45 -25.02
N LEU B 295 -9.67 25.73 -25.63
CA LEU B 295 -8.30 25.75 -25.15
C LEU B 295 -7.64 27.10 -25.41
N ASN B 296 -7.99 27.74 -26.52
CA ASN B 296 -7.41 29.05 -26.80
C ASN B 296 -7.92 30.07 -25.80
N LYS B 297 -9.14 29.86 -25.29
CA LYS B 297 -9.71 30.78 -24.31
C LYS B 297 -8.89 30.87 -23.02
N ILE B 298 -8.11 29.82 -22.73
CA ILE B 298 -7.27 29.84 -21.55
C ILE B 298 -5.81 29.94 -21.97
N GLY B 299 -5.60 30.18 -23.27
CA GLY B 299 -4.27 30.33 -23.83
C GLY B 299 -3.37 29.10 -23.71
N ALA B 300 -3.98 27.92 -23.78
CA ALA B 300 -3.24 26.66 -23.66
C ALA B 300 -2.21 26.39 -24.75
N LEU B 301 -2.45 26.90 -25.94
CA LEU B 301 -1.52 26.66 -27.05
C LEU B 301 -0.55 27.81 -27.32
N GLN B 302 -0.29 28.65 -26.33
CA GLN B 302 0.62 29.78 -26.48
C GLN B 302 2.10 29.41 -26.42
N ASP B 303 2.58 29.11 -25.20
CA ASP B 303 3.98 28.75 -24.98
C ASP B 303 4.38 27.38 -25.54
N ILE B 304 3.59 26.86 -26.47
CA ILE B 304 3.88 25.56 -27.07
C ILE B 304 4.53 25.73 -28.44
N ASP B 309 9.53 17.01 -32.42
CA ASP B 309 9.85 15.84 -33.29
C ASP B 309 8.85 14.71 -33.09
N PRO B 310 8.07 14.39 -34.15
CA PRO B 310 7.06 13.33 -34.11
C PRO B 310 7.59 11.92 -33.83
N ASP B 311 8.75 11.58 -34.39
CA ASP B 311 9.31 10.25 -34.17
C ASP B 311 9.68 10.07 -32.70
N SER B 312 10.20 11.13 -32.10
CA SER B 312 10.58 11.12 -30.69
C SER B 312 9.33 10.89 -29.83
N ILE B 313 8.30 11.68 -30.09
CA ILE B 313 7.05 11.60 -29.36
C ILE B 313 6.45 10.19 -29.44
N PHE B 314 6.39 9.64 -30.65
CA PHE B 314 5.83 8.31 -30.86
C PHE B 314 6.63 7.21 -30.17
N HIS B 315 7.93 7.42 -30.01
CA HIS B 315 8.77 6.41 -29.37
C HIS B 315 8.41 6.32 -27.89
N TYR B 316 8.30 7.47 -27.21
CA TYR B 316 7.94 7.47 -25.80
C TYR B 316 6.57 6.85 -25.60
N LEU B 317 5.70 7.02 -26.59
CA LEU B 317 4.36 6.47 -26.54
C LEU B 317 4.38 4.95 -26.37
N ILE B 318 5.21 4.27 -27.16
CA ILE B 318 5.30 2.82 -27.09
C ILE B 318 5.61 2.34 -25.66
N GLU B 330 1.27 -6.26 -32.18
CA GLU B 330 -0.01 -5.52 -32.11
C GLU B 330 0.05 -4.26 -32.97
N ASP B 331 -1.04 -3.99 -33.71
CA ASP B 331 -1.11 -2.83 -34.58
C ASP B 331 -1.89 -1.70 -33.92
N ASN B 332 -2.58 -2.02 -32.83
CA ASN B 332 -3.40 -1.02 -32.16
C ASN B 332 -2.97 -0.64 -30.74
N LEU B 333 -3.47 0.52 -30.29
CA LEU B 333 -3.19 1.05 -28.98
C LEU B 333 -4.47 1.68 -28.45
N GLY B 334 -4.85 1.33 -27.22
CA GLY B 334 -6.08 1.85 -26.65
C GLY B 334 -6.06 3.32 -26.27
N MET B 335 -7.13 4.03 -26.64
CA MET B 335 -7.26 5.45 -26.33
C MET B 335 -8.66 5.79 -25.86
N ILE B 336 -8.77 6.81 -25.01
CA ILE B 336 -10.06 7.28 -24.54
C ILE B 336 -10.46 8.31 -25.59
N LEU B 337 -11.59 8.09 -26.28
CA LEU B 337 -12.02 9.02 -27.32
C LEU B 337 -13.45 9.49 -27.08
N LEU B 338 -13.84 10.54 -27.81
CA LEU B 338 -15.19 11.09 -27.68
C LEU B 338 -15.89 11.09 -29.04
N SER B 339 -17.20 10.91 -29.04
CA SER B 339 -17.96 10.97 -30.28
C SER B 339 -18.35 12.43 -30.46
N GLY B 340 -18.26 13.18 -29.35
CA GLY B 340 -18.58 14.60 -29.38
C GLY B 340 -18.39 15.24 -28.03
N VAL B 341 -18.46 16.57 -27.98
CA VAL B 341 -18.28 17.28 -26.71
C VAL B 341 -19.25 16.74 -25.65
N GLY B 342 -18.68 16.28 -24.55
CA GLY B 342 -19.48 15.75 -23.46
C GLY B 342 -20.02 14.34 -23.69
N LYS B 343 -19.60 13.72 -24.78
CA LYS B 343 -20.08 12.37 -25.13
C LYS B 343 -18.95 11.36 -25.37
N PRO B 344 -18.52 10.64 -24.33
CA PRO B 344 -17.46 9.64 -24.44
C PRO B 344 -17.85 8.48 -25.36
N ALA B 345 -16.87 7.96 -26.10
CA ALA B 345 -17.12 6.85 -27.00
C ALA B 345 -16.79 5.53 -26.31
N MET B 346 -17.73 4.60 -26.35
CA MET B 346 -17.54 3.29 -25.73
C MET B 346 -17.07 2.27 -26.76
N TYR B 347 -16.53 1.16 -26.26
CA TYR B 347 -16.04 0.08 -27.11
C TYR B 347 -16.05 -1.17 -26.23
N ASN B 348 -16.87 -2.15 -26.61
CA ASN B 348 -16.98 -3.39 -25.83
C ASN B 348 -17.33 -3.05 -24.39
N GLN B 349 -18.23 -2.09 -24.22
CA GLN B 349 -18.64 -1.66 -22.88
C GLN B 349 -17.44 -1.15 -22.10
N THR B 350 -16.48 -0.58 -22.81
CA THR B 350 -15.27 -0.02 -22.20
C THR B 350 -14.98 1.34 -22.81
N LEU B 351 -14.26 2.18 -22.08
CA LEU B 351 -13.89 3.49 -22.57
C LEU B 351 -12.61 3.46 -23.40
N LEU B 352 -12.04 2.26 -23.54
CA LEU B 352 -10.83 2.10 -24.33
C LEU B 352 -11.13 1.63 -25.76
N THR B 353 -10.88 2.51 -26.72
CA THR B 353 -11.09 2.21 -28.13
C THR B 353 -9.75 1.88 -28.78
N PRO B 354 -9.63 0.73 -29.43
CA PRO B 354 -8.36 0.38 -30.07
C PRO B 354 -8.12 1.31 -31.26
N VAL B 355 -6.91 1.86 -31.34
CA VAL B 355 -6.56 2.79 -32.42
C VAL B 355 -5.29 2.36 -33.15
N ARG B 356 -5.33 2.46 -34.47
CA ARG B 356 -4.20 2.10 -35.34
C ARG B 356 -2.94 2.89 -35.02
N LYS B 357 -1.86 2.20 -34.71
CA LYS B 357 -0.60 2.86 -34.41
C LYS B 357 -0.20 3.78 -35.57
N THR B 358 -0.45 3.34 -36.80
CA THR B 358 -0.12 4.15 -37.97
C THR B 358 -0.96 5.42 -38.07
N LEU B 359 -2.17 5.41 -37.54
CA LEU B 359 -3.01 6.60 -37.60
C LEU B 359 -2.56 7.59 -36.54
N ILE B 360 -2.23 7.08 -35.36
CA ILE B 360 -1.74 7.93 -34.26
C ILE B 360 -0.49 8.68 -34.70
N LYS B 361 0.45 7.95 -35.30
CA LYS B 361 1.70 8.57 -35.74
C LYS B 361 1.48 9.61 -36.83
N GLU B 362 0.50 9.37 -37.70
CA GLU B 362 0.21 10.30 -38.77
C GLU B 362 -0.34 11.64 -38.22
N VAL B 363 -1.26 11.55 -37.27
CA VAL B 363 -1.84 12.75 -36.67
C VAL B 363 -0.76 13.55 -35.95
N ILE B 364 0.08 12.85 -35.19
CA ILE B 364 1.17 13.50 -34.47
C ILE B 364 2.02 14.24 -35.51
N ARG B 365 2.17 13.62 -36.67
CA ARG B 365 2.95 14.20 -37.75
C ARG B 365 2.32 15.49 -38.28
N GLU B 366 1.00 15.51 -38.45
CA GLU B 366 0.32 16.71 -38.95
C GLU B 366 0.46 17.91 -38.03
N GLY B 367 0.54 17.64 -36.73
CA GLY B 367 0.68 18.72 -35.76
C GLY B 367 -0.60 19.50 -35.49
N LEU B 368 -0.45 20.63 -34.79
CA LEU B 368 -1.58 21.46 -34.44
C LEU B 368 -2.00 22.34 -35.62
#